data_7E5W
#
_entry.id   7E5W
#
_cell.length_a   179.287
_cell.length_b   179.287
_cell.length_c   173.422
_cell.angle_alpha   90.000
_cell.angle_beta   90.000
_cell.angle_gamma   90.000
#
_symmetry.space_group_name_H-M   'I 4 2 2'
#
loop_
_entity.id
_entity.type
_entity.pdbx_description
1 polymer 'Catabolite control protein A'
2 non-polymer 'SULFATE ION'
3 water water
#
_entity_poly.entity_id   1
_entity_poly.type   'polypeptide(L)'
_entity_poly.pdbx_seq_one_letter_code
;MTVTIYDVAREARVSMATVSRVVNGNQNVKAETKNKVNEVIKRLNYRPNAVARGLASKKTTTVGVIIPDISNIYYSQLAR
GLEDIATMYKYHSIISNSDNDPEKEKEIFNNLLSKQVDGIIFLGGTITEEMKELINQSSVPVVVSGTNGKDAHIASVNID
FTEAAKEITGELIEKGAKSFALVGGEHSKKAQEDVLEGLTEVLNKNGLQLGDTLNCSGAESYKEGVKAFAKMKGNLPDAI
LCISDEEAIGIMHSAMDAGIKVPEELQIISFNNTRLVEMVRPQLSSVIQPLYDIGAVGMRLLTKYMNDEKIEEPNVVLPH
RIEYRGTTK
;
_entity_poly.pdbx_strand_id   A,B,C
#
# COMPACT_ATOMS: atom_id res chain seq x y z
N THR A 2 40.49 -4.59 5.09
CA THR A 2 41.62 -3.68 5.26
C THR A 2 41.70 -3.12 6.69
N VAL A 3 42.81 -2.46 7.00
CA VAL A 3 43.02 -1.88 8.34
C VAL A 3 42.51 -0.47 8.40
N THR A 4 41.84 -0.11 9.50
CA THR A 4 41.25 1.25 9.63
C THR A 4 41.77 1.91 10.90
N ILE A 5 41.40 3.16 11.11
CA ILE A 5 41.84 3.91 12.33
C ILE A 5 41.24 3.22 13.56
N TYR A 6 40.04 2.64 13.43
CA TYR A 6 39.39 2.02 14.61
C TYR A 6 40.15 0.76 15.02
N ASP A 7 40.73 0.05 14.06
CA ASP A 7 41.51 -1.13 14.40
C ASP A 7 42.72 -0.75 15.22
N VAL A 8 43.43 0.29 14.82
CA VAL A 8 44.58 0.74 15.57
C VAL A 8 44.15 1.25 16.93
N ALA A 9 43.06 1.99 16.96
CA ALA A 9 42.57 2.52 18.21
C ALA A 9 42.11 1.49 19.21
N ARG A 10 41.35 0.51 18.76
CA ARG A 10 40.83 -0.51 19.63
C ARG A 10 41.96 -1.34 20.18
N GLU A 11 42.98 -1.55 19.37
CA GLU A 11 44.11 -2.32 19.81
C GLU A 11 44.92 -1.48 20.76
N ALA A 12 45.13 -0.22 20.42
CA ALA A 12 45.98 0.54 21.32
C ALA A 12 45.24 1.03 22.56
N ARG A 13 43.93 0.80 22.63
CA ARG A 13 43.08 1.29 23.76
C ARG A 13 43.00 2.82 23.79
N VAL A 14 43.00 3.47 22.63
CA VAL A 14 42.81 4.92 22.53
C VAL A 14 41.67 5.22 21.58
N SER A 15 41.38 6.50 21.44
CA SER A 15 40.32 6.92 20.54
C SER A 15 40.90 7.09 19.16
N MET A 16 40.02 7.00 18.16
CA MET A 16 40.46 7.18 16.76
C MET A 16 41.03 8.60 16.64
N ALA A 17 40.52 9.53 17.44
CA ALA A 17 41.02 10.88 17.41
C ALA A 17 42.45 10.98 17.91
N THR A 18 42.77 10.24 18.95
CA THR A 18 44.15 10.24 19.43
C THR A 18 45.09 9.66 18.39
N VAL A 19 44.65 8.60 17.72
CA VAL A 19 45.47 8.01 16.68
C VAL A 19 45.71 9.02 15.58
N SER A 20 44.69 9.76 15.23
CA SER A 20 44.83 10.75 14.18
C SER A 20 45.83 11.80 14.58
N ARG A 21 45.85 12.16 15.86
CA ARG A 21 46.81 13.17 16.35
C ARG A 21 48.23 12.63 16.24
N VAL A 22 48.43 11.35 16.56
CA VAL A 22 49.76 10.76 16.41
C VAL A 22 50.17 10.73 14.94
N VAL A 23 49.25 10.36 14.06
CA VAL A 23 49.52 10.31 12.63
C VAL A 23 49.81 11.69 12.09
N ASN A 24 49.11 12.69 12.60
CA ASN A 24 49.25 14.05 12.08
C ASN A 24 50.41 14.82 12.69
N GLY A 25 51.16 14.19 13.57
CA GLY A 25 52.30 14.84 14.17
C GLY A 25 52.04 15.88 15.24
N ASN A 26 50.92 15.76 15.95
CA ASN A 26 50.63 16.69 17.01
C ASN A 26 51.72 16.52 18.03
N GLN A 27 52.23 17.63 18.50
CA GLN A 27 53.32 17.57 19.46
C GLN A 27 52.80 17.68 20.88
N ASN A 28 51.49 17.65 21.05
CA ASN A 28 50.99 17.67 22.42
C ASN A 28 50.55 16.29 22.90
N VAL A 29 50.60 15.27 22.05
CA VAL A 29 50.21 13.93 22.47
C VAL A 29 51.29 13.36 23.36
N LYS A 30 50.85 12.75 24.46
CA LYS A 30 51.74 12.16 25.46
C LYS A 30 52.76 11.26 24.79
N ALA A 31 54.02 11.38 25.22
CA ALA A 31 55.09 10.66 24.56
C ALA A 31 54.91 9.16 24.68
N GLU A 32 54.32 8.68 25.78
CA GLU A 32 54.13 7.25 25.97
C GLU A 32 52.99 6.72 25.12
N THR A 33 51.87 7.44 25.06
CA THR A 33 50.78 7.03 24.19
C THR A 33 51.20 7.08 22.72
N LYS A 34 52.00 8.08 22.35
CA LYS A 34 52.55 8.12 20.99
C LYS A 34 53.29 6.83 20.66
N ASN A 35 54.03 6.27 21.62
CA ASN A 35 54.71 5.00 21.38
C ASN A 35 53.73 3.84 21.31
N LYS A 36 52.76 3.80 22.24
CA LYS A 36 51.75 2.74 22.24
C LYS A 36 50.96 2.73 20.94
N VAL A 37 50.83 3.88 20.28
CA VAL A 37 50.10 3.95 19.02
C VAL A 37 51.01 3.60 17.85
N ASN A 38 52.21 4.22 17.80
CA ASN A 38 53.15 3.93 16.72
C ASN A 38 53.52 2.46 16.65
N GLU A 39 53.31 1.71 17.74
CA GLU A 39 53.60 0.28 17.72
C GLU A 39 52.54 -0.47 16.93
N VAL A 40 51.26 -0.28 17.27
CA VAL A 40 50.17 -0.89 16.51
C VAL A 40 50.23 -0.44 15.05
N ILE A 41 50.49 0.85 14.83
CA ILE A 41 50.54 1.40 13.48
C ILE A 41 51.54 0.63 12.62
N LYS A 42 52.67 0.24 13.19
CA LYS A 42 53.69 -0.47 12.42
C LYS A 42 53.37 -1.96 12.25
N ARG A 43 52.81 -2.59 13.29
CA ARG A 43 52.47 -4.00 13.19
C ARG A 43 51.32 -4.22 12.20
N LEU A 44 50.21 -3.49 12.37
CA LEU A 44 49.12 -3.54 11.41
C LEU A 44 49.46 -2.84 10.10
N ASN A 45 50.55 -2.10 10.07
CA ASN A 45 50.96 -1.28 8.94
C ASN A 45 49.83 -0.35 8.47
N TYR A 46 49.48 0.58 9.34
CA TYR A 46 48.48 1.61 9.04
C TYR A 46 49.16 2.78 8.35
N ARG A 47 48.77 3.06 7.11
CA ARG A 47 49.41 4.08 6.28
C ARG A 47 48.34 4.87 5.51
N PRO A 48 47.54 5.68 6.22
CA PRO A 48 46.44 6.40 5.56
C PRO A 48 46.88 7.39 4.50
N ASN A 49 48.06 8.00 4.65
CA ASN A 49 48.46 9.12 3.81
C ASN A 49 49.69 8.79 2.98
N ALA A 50 49.82 9.48 1.85
CA ALA A 50 50.96 9.38 0.97
C ALA A 50 51.69 10.71 0.94
N LYS A 59 54.07 23.65 -6.87
CA LYS A 59 52.70 24.14 -7.02
C LYS A 59 52.04 24.44 -5.66
N THR A 60 51.24 25.51 -5.59
CA THR A 60 50.33 25.74 -4.48
C THR A 60 48.98 25.09 -4.80
N THR A 61 48.39 24.41 -3.81
CA THR A 61 47.23 23.57 -4.07
C THR A 61 46.12 23.87 -3.08
N THR A 62 44.90 24.03 -3.61
CA THR A 62 43.73 24.31 -2.81
C THR A 62 42.67 23.26 -3.13
N VAL A 63 42.20 22.57 -2.10
CA VAL A 63 41.11 21.61 -2.22
C VAL A 63 39.84 22.28 -1.72
N GLY A 64 38.78 22.22 -2.53
CA GLY A 64 37.47 22.70 -2.13
C GLY A 64 36.60 21.53 -1.71
N VAL A 65 35.90 21.71 -0.61
CA VAL A 65 35.02 20.70 -0.04
C VAL A 65 33.62 21.27 0.02
N ILE A 66 32.63 20.48 -0.43
CA ILE A 66 31.22 20.86 -0.47
C ILE A 66 30.45 19.89 0.39
N ILE A 67 29.78 20.40 1.42
CA ILE A 67 29.04 19.56 2.37
C ILE A 67 27.65 20.16 2.48
N PRO A 68 26.61 19.39 2.78
CA PRO A 68 25.28 20.00 2.86
C PRO A 68 25.09 20.87 4.07
N ASP A 69 25.69 20.52 5.20
CA ASP A 69 25.40 21.22 6.45
C ASP A 69 26.59 21.11 7.38
N ILE A 70 27.23 22.27 7.60
CA ILE A 70 28.45 22.35 8.40
C ILE A 70 28.18 22.12 9.88
N SER A 71 26.96 22.39 10.35
CA SER A 71 26.58 22.10 11.73
C SER A 71 26.25 20.63 11.94
N ASN A 72 26.12 19.83 10.89
CA ASN A 72 25.99 18.38 11.04
C ASN A 72 27.27 17.83 11.63
N ILE A 73 27.17 17.21 12.80
CA ILE A 73 28.40 16.86 13.52
C ILE A 73 29.21 15.82 12.76
N TYR A 74 28.55 14.83 12.15
CA TYR A 74 29.26 13.85 11.30
C TYR A 74 29.98 14.54 10.14
N TYR A 75 29.33 15.50 9.48
CA TYR A 75 29.96 16.12 8.32
C TYR A 75 31.08 17.07 8.74
N SER A 76 30.92 17.78 9.86
CA SER A 76 31.99 18.67 10.32
C SER A 76 33.21 17.86 10.79
N GLN A 77 32.99 16.73 11.46
CA GLN A 77 34.09 15.83 11.79
C GLN A 77 34.82 15.38 10.51
N LEU A 78 34.09 14.75 9.57
CA LEU A 78 34.69 14.37 8.29
C LEU A 78 35.44 15.54 7.66
N ALA A 79 34.93 16.75 7.77
CA ALA A 79 35.58 17.85 7.09
C ALA A 79 36.81 18.35 7.79
N ARG A 80 36.85 18.27 9.11
CA ARG A 80 38.05 18.64 9.82
C ARG A 80 39.14 17.65 9.48
N GLY A 81 38.78 16.38 9.44
CA GLY A 81 39.74 15.35 9.12
C GLY A 81 40.33 15.62 7.77
N LEU A 82 39.48 15.92 6.80
CA LEU A 82 39.98 16.27 5.48
C LEU A 82 40.98 17.43 5.56
N GLU A 83 40.72 18.39 6.47
CA GLU A 83 41.60 19.55 6.58
C GLU A 83 42.91 19.17 7.26
N ASP A 84 42.86 18.33 8.29
CA ASP A 84 44.09 17.79 8.85
C ASP A 84 44.93 17.13 7.75
N ILE A 85 44.31 16.20 7.01
CA ILE A 85 45.01 15.44 5.98
C ILE A 85 45.59 16.38 4.93
N ALA A 86 44.82 17.39 4.53
CA ALA A 86 45.31 18.31 3.50
C ALA A 86 46.51 19.12 3.97
N THR A 87 46.65 19.34 5.28
CA THR A 87 47.84 20.02 5.77
C THR A 87 49.05 19.11 5.71
N MET A 88 48.86 17.83 6.02
CA MET A 88 49.90 16.83 5.77
C MET A 88 50.41 16.92 4.34
N TYR A 89 49.51 16.94 3.36
CA TYR A 89 49.92 17.07 1.97
C TYR A 89 50.43 18.47 1.67
N LYS A 90 50.32 19.40 2.62
CA LYS A 90 50.65 20.81 2.40
C LYS A 90 49.70 21.46 1.38
N TYR A 91 48.41 21.14 1.48
CA TYR A 91 47.38 21.78 0.67
C TYR A 91 46.57 22.77 1.50
N HIS A 92 46.18 23.86 0.87
CA HIS A 92 45.12 24.69 1.40
C HIS A 92 43.77 24.03 1.14
N SER A 93 42.77 24.43 1.91
CA SER A 93 41.44 23.87 1.69
C SER A 93 40.38 24.85 2.16
N ILE A 94 39.25 24.82 1.47
CA ILE A 94 38.15 25.74 1.73
C ILE A 94 36.84 24.95 1.62
N ILE A 95 35.93 25.19 2.59
CA ILE A 95 34.70 24.45 2.75
C ILE A 95 33.51 25.35 2.46
N SER A 96 32.50 24.83 1.75
CA SER A 96 31.28 25.56 1.44
C SER A 96 30.05 24.72 1.76
N ASN A 97 28.97 25.41 2.14
CA ASN A 97 27.77 24.81 2.73
C ASN A 97 26.60 24.91 1.74
N SER A 98 26.10 23.77 1.27
CA SER A 98 25.18 23.72 0.13
C SER A 98 23.72 23.51 0.46
N ASP A 99 23.43 22.91 1.62
CA ASP A 99 22.03 22.58 2.06
C ASP A 99 21.41 21.56 1.11
N ASN A 100 22.23 20.88 0.29
CA ASN A 100 21.73 19.98 -0.77
C ASN A 100 20.75 20.77 -1.64
N ASP A 101 20.99 22.07 -1.76
CA ASP A 101 20.14 22.90 -2.64
C ASP A 101 20.74 22.81 -4.03
N PRO A 102 20.08 22.23 -5.06
CA PRO A 102 20.76 22.10 -6.37
C PRO A 102 21.28 23.42 -6.92
N GLU A 103 20.61 24.54 -6.63
CA GLU A 103 21.10 25.82 -7.12
C GLU A 103 22.33 26.28 -6.34
N LYS A 104 22.29 26.17 -5.00
CA LYS A 104 23.48 26.47 -4.21
C LYS A 104 24.66 25.61 -4.64
N GLU A 105 24.42 24.32 -4.89
CA GLU A 105 25.49 23.43 -5.31
C GLU A 105 26.15 23.90 -6.59
N LYS A 106 25.35 24.29 -7.58
CA LYS A 106 25.89 24.80 -8.83
C LYS A 106 26.66 26.11 -8.61
N GLU A 107 26.11 27.01 -7.79
CA GLU A 107 26.79 28.26 -7.52
C GLU A 107 28.11 28.03 -6.78
N ILE A 108 28.12 27.05 -5.87
CA ILE A 108 29.35 26.76 -5.13
C ILE A 108 30.40 26.22 -6.08
N PHE A 109 30.08 25.12 -6.77
CA PHE A 109 30.97 24.52 -7.75
C PHE A 109 31.59 25.59 -8.64
N ASN A 110 30.75 26.46 -9.22
CA ASN A 110 31.29 27.45 -10.14
C ASN A 110 32.15 28.48 -9.41
N ASN A 111 31.82 28.79 -8.16
CA ASN A 111 32.68 29.68 -7.38
C ASN A 111 34.03 29.06 -7.14
N LEU A 112 34.06 27.78 -6.78
CA LEU A 112 35.35 27.13 -6.52
C LEU A 112 36.18 27.06 -7.80
N LEU A 113 35.54 26.79 -8.94
CA LEU A 113 36.28 26.73 -10.19
C LEU A 113 36.86 28.10 -10.53
N SER A 114 36.06 29.16 -10.39
CA SER A 114 36.55 30.50 -10.69
C SER A 114 37.68 30.94 -9.76
N LYS A 115 37.68 30.43 -8.51
CA LYS A 115 38.81 30.66 -7.62
C LYS A 115 39.95 29.67 -7.87
N GLN A 116 39.81 28.82 -8.88
CA GLN A 116 40.90 27.99 -9.38
C GLN A 116 41.39 26.98 -8.33
N VAL A 117 40.45 26.30 -7.68
CA VAL A 117 40.81 25.15 -6.86
C VAL A 117 41.29 24.02 -7.75
N ASP A 118 42.13 23.15 -7.19
CA ASP A 118 42.77 22.09 -7.95
C ASP A 118 42.08 20.74 -7.82
N GLY A 119 41.08 20.65 -6.96
CA GLY A 119 40.38 19.41 -6.73
C GLY A 119 39.19 19.76 -5.87
N ILE A 120 38.11 18.99 -5.97
CA ILE A 120 36.91 19.23 -5.20
C ILE A 120 36.44 17.91 -4.62
N ILE A 121 35.97 17.94 -3.38
CA ILE A 121 35.37 16.77 -2.74
C ILE A 121 33.97 17.15 -2.30
N PHE A 122 33.00 16.28 -2.63
CA PHE A 122 31.60 16.37 -2.21
C PHE A 122 31.38 15.37 -1.08
N LEU A 123 31.01 15.86 0.10
CA LEU A 123 30.56 14.98 1.18
C LEU A 123 29.05 15.12 1.30
N GLY A 124 28.32 13.99 1.11
CA GLY A 124 26.87 13.99 1.23
C GLY A 124 26.21 14.75 0.08
N GLY A 125 24.90 14.74 0.05
CA GLY A 125 24.21 15.54 -0.98
C GLY A 125 23.89 14.76 -2.24
N THR A 126 23.42 15.46 -3.26
CA THR A 126 22.97 14.80 -4.50
C THR A 126 23.63 15.45 -5.71
N ILE A 127 24.20 14.64 -6.60
CA ILE A 127 24.74 15.19 -7.88
C ILE A 127 23.60 15.18 -8.88
N THR A 128 23.03 16.35 -9.21
CA THR A 128 22.02 16.40 -10.25
C THR A 128 22.64 16.09 -11.61
N GLU A 129 21.77 15.85 -12.60
CA GLU A 129 22.25 15.64 -13.96
C GLU A 129 22.92 16.90 -14.52
N GLU A 130 22.39 18.08 -14.18
CA GLU A 130 23.08 19.31 -14.57
C GLU A 130 24.44 19.43 -13.87
N MET A 131 24.51 19.10 -12.58
CA MET A 131 25.79 19.15 -11.88
C MET A 131 26.80 18.18 -12.50
N LYS A 132 26.33 16.97 -12.85
CA LYS A 132 27.19 16.00 -13.54
C LYS A 132 27.80 16.58 -14.82
N GLU A 133 27.11 17.53 -15.47
CA GLU A 133 27.65 18.17 -16.66
C GLU A 133 28.80 19.10 -16.32
N LEU A 134 28.61 19.98 -15.33
CA LEU A 134 29.69 20.85 -14.88
C LEU A 134 30.92 20.05 -14.47
N ILE A 135 30.72 18.90 -13.82
CA ILE A 135 31.84 18.06 -13.44
C ILE A 135 32.52 17.47 -14.68
N ASN A 136 31.74 16.84 -15.56
CA ASN A 136 32.31 16.27 -16.79
C ASN A 136 33.03 17.33 -17.63
N GLN A 137 32.50 18.55 -17.69
CA GLN A 137 33.11 19.58 -18.53
C GLN A 137 34.33 20.24 -17.89
N SER A 138 34.57 20.02 -16.60
CA SER A 138 35.66 20.70 -15.92
C SER A 138 36.90 19.82 -15.92
N SER A 139 38.06 20.47 -15.94
CA SER A 139 39.36 19.83 -15.75
C SER A 139 39.70 19.61 -14.27
N VAL A 140 38.94 20.16 -13.34
CA VAL A 140 39.18 19.94 -11.92
C VAL A 140 38.66 18.56 -11.55
N PRO A 141 39.50 17.65 -11.07
CA PRO A 141 39.00 16.34 -10.64
C PRO A 141 38.12 16.44 -9.39
N VAL A 142 37.29 15.42 -9.22
CA VAL A 142 36.22 15.43 -8.23
C VAL A 142 36.18 14.06 -7.59
N VAL A 143 36.17 14.02 -6.26
CA VAL A 143 35.94 12.79 -5.52
C VAL A 143 34.69 13.03 -4.68
N VAL A 144 33.88 11.99 -4.50
CA VAL A 144 32.64 12.12 -3.75
C VAL A 144 32.54 11.05 -2.68
N SER A 145 31.70 11.31 -1.68
CA SER A 145 31.52 10.39 -0.55
C SER A 145 30.13 10.63 0.03
N GLY A 146 29.36 9.56 0.23
CA GLY A 146 28.02 9.70 0.77
C GLY A 146 27.07 10.48 -0.09
N THR A 147 27.42 10.66 -1.36
CA THR A 147 26.55 11.38 -2.32
C THR A 147 25.71 10.38 -3.10
N ASN A 148 24.59 10.84 -3.63
CA ASN A 148 23.73 9.98 -4.46
C ASN A 148 23.42 10.73 -5.76
N GLY A 149 22.58 10.16 -6.60
CA GLY A 149 22.16 10.85 -7.82
C GLY A 149 22.98 10.44 -9.02
N LYS A 150 23.33 11.42 -9.84
CA LYS A 150 24.01 11.11 -11.09
C LYS A 150 25.53 11.09 -10.88
N ASP A 151 25.98 10.27 -9.95
CA ASP A 151 27.37 10.27 -9.53
C ASP A 151 28.21 9.10 -10.10
N ALA A 152 27.69 8.37 -11.08
CA ALA A 152 28.45 7.24 -11.62
C ALA A 152 29.71 7.73 -12.35
N HIS A 153 30.74 6.89 -12.34
CA HIS A 153 32.02 7.21 -12.98
C HIS A 153 32.71 8.41 -12.32
N ILE A 154 32.34 8.70 -11.07
CA ILE A 154 33.08 9.62 -10.22
C ILE A 154 33.73 8.79 -9.12
N ALA A 155 34.99 9.11 -8.80
CA ALA A 155 35.69 8.37 -7.76
C ALA A 155 35.06 8.65 -6.40
N SER A 156 35.07 7.63 -5.53
CA SER A 156 34.19 7.63 -4.38
C SER A 156 34.80 6.78 -3.29
N VAL A 157 34.34 7.02 -2.07
CA VAL A 157 34.67 6.16 -0.93
C VAL A 157 33.50 6.18 0.04
N ASN A 158 33.16 5.01 0.58
CA ASN A 158 31.98 4.83 1.39
C ASN A 158 32.12 3.54 2.17
N ILE A 159 31.21 3.41 3.12
CA ILE A 159 31.06 2.11 3.79
C ILE A 159 29.85 1.55 3.06
N ASP A 160 29.55 0.29 3.26
CA ASP A 160 28.43 -0.39 2.62
C ASP A 160 27.22 -0.28 3.55
N PHE A 161 26.40 0.76 3.31
CA PHE A 161 25.22 1.00 4.15
C PHE A 161 24.22 -0.12 4.01
N THR A 162 24.06 -0.64 2.80
CA THR A 162 23.08 -1.69 2.61
C THR A 162 23.42 -2.90 3.46
N GLU A 163 24.70 -3.30 3.43
CA GLU A 163 25.16 -4.44 4.22
C GLU A 163 25.04 -4.14 5.71
N ALA A 164 25.45 -2.93 6.13
CA ALA A 164 25.30 -2.56 7.55
C ALA A 164 23.85 -2.67 8.00
N ALA A 165 22.90 -2.27 7.15
CA ALA A 165 21.49 -2.29 7.51
C ALA A 165 20.89 -3.69 7.49
N LYS A 166 21.40 -4.57 6.60
CA LYS A 166 20.99 -5.97 6.64
C LYS A 166 21.46 -6.64 7.93
N GLU A 167 22.76 -6.50 8.24
CA GLU A 167 23.30 -6.99 9.52
C GLU A 167 22.45 -6.50 10.68
N ILE A 168 22.25 -5.18 10.76
CA ILE A 168 21.54 -4.62 11.91
C ILE A 168 20.10 -5.13 11.95
N THR A 169 19.44 -5.20 10.80
CA THR A 169 18.04 -5.60 10.81
C THR A 169 17.89 -7.03 11.27
N GLY A 170 18.82 -7.89 10.90
CA GLY A 170 18.76 -9.25 11.40
C GLY A 170 18.86 -9.40 12.89
N GLU A 171 19.74 -8.63 13.51
CA GLU A 171 19.91 -8.72 14.93
C GLU A 171 18.67 -8.33 15.67
N LEU A 172 18.01 -7.29 15.21
CA LEU A 172 16.82 -6.81 15.87
C LEU A 172 15.72 -7.83 15.84
N ILE A 173 15.56 -8.50 14.72
CA ILE A 173 14.56 -9.54 14.59
C ILE A 173 14.86 -10.69 15.56
N GLU A 174 16.13 -11.02 15.73
CA GLU A 174 16.53 -12.06 16.68
C GLU A 174 16.16 -11.67 18.09
N LYS A 175 16.21 -10.38 18.39
CA LYS A 175 15.86 -9.89 19.70
C LYS A 175 14.37 -9.68 19.80
N GLY A 176 13.64 -10.06 18.77
CA GLY A 176 12.20 -9.97 18.81
C GLY A 176 11.46 -8.77 18.25
N ALA A 177 12.19 -7.88 17.57
CA ALA A 177 11.52 -6.73 16.92
C ALA A 177 10.75 -7.19 15.70
N LYS A 178 9.54 -6.66 15.49
CA LYS A 178 8.68 -7.07 14.36
C LYS A 178 8.16 -5.83 13.64
N SER A 179 8.17 -4.68 14.31
CA SER A 179 7.75 -3.40 13.68
C SER A 179 8.96 -2.51 13.50
N PHE A 180 9.15 -1.94 12.33
CA PHE A 180 10.39 -1.17 12.07
C PHE A 180 10.08 0.15 11.37
N ALA A 181 10.81 1.21 11.71
CA ALA A 181 10.65 2.49 10.99
C ALA A 181 12.03 3.03 10.64
N LEU A 182 12.11 3.87 9.61
CA LEU A 182 13.38 4.44 9.17
C LEU A 182 13.22 5.94 9.10
N VAL A 183 14.08 6.66 9.83
CA VAL A 183 14.07 8.15 9.77
C VAL A 183 15.36 8.65 9.12
N GLY A 184 15.26 9.69 8.29
CA GLY A 184 16.45 10.30 7.66
C GLY A 184 16.12 11.69 7.18
N GLY A 185 16.88 12.20 6.22
CA GLY A 185 16.71 13.58 5.75
C GLY A 185 17.22 13.79 4.35
N GLU A 186 17.36 15.03 3.91
CA GLU A 186 17.71 15.31 2.49
C GLU A 186 19.19 15.63 2.32
N HIS A 187 19.94 15.66 3.41
CA HIS A 187 21.41 15.90 3.31
C HIS A 187 22.12 14.57 3.08
N SER A 188 21.76 13.54 3.83
CA SER A 188 22.38 12.19 3.68
C SER A 188 21.38 11.27 2.97
N LYS A 189 21.24 11.43 1.66
CA LYS A 189 20.21 10.67 0.90
C LYS A 189 20.75 9.30 0.47
N LYS A 190 22.02 9.20 0.15
CA LYS A 190 22.62 7.89 -0.18
C LYS A 190 22.43 6.95 1.00
N ALA A 191 22.78 7.39 2.19
CA ALA A 191 22.66 6.56 3.39
C ALA A 191 21.21 6.12 3.55
N GLN A 192 20.27 7.05 3.49
CA GLN A 192 18.84 6.72 3.67
C GLN A 192 18.41 5.67 2.64
N GLU A 193 18.74 5.89 1.38
CA GLU A 193 18.30 4.96 0.30
C GLU A 193 18.95 3.60 0.46
N ASP A 194 20.25 3.58 0.73
CA ASP A 194 21.00 2.30 0.84
C ASP A 194 20.56 1.56 2.10
N VAL A 195 20.21 2.29 3.15
CA VAL A 195 19.74 1.59 4.35
C VAL A 195 18.34 1.04 4.11
N LEU A 196 17.46 1.84 3.49
CA LEU A 196 16.12 1.35 3.18
C LEU A 196 16.19 0.09 2.33
N GLU A 197 17.08 0.08 1.34
CA GLU A 197 17.28 -1.11 0.52
C GLU A 197 17.58 -2.33 1.40
N GLY A 198 18.63 -2.24 2.22
CA GLY A 198 18.97 -3.35 3.10
C GLY A 198 17.88 -3.68 4.11
N LEU A 199 17.28 -2.66 4.70
CA LEU A 199 16.24 -2.90 5.70
C LEU A 199 15.05 -3.64 5.10
N THR A 200 14.53 -3.12 3.98
CA THR A 200 13.35 -3.74 3.38
C THR A 200 13.66 -5.14 2.84
N GLU A 201 14.89 -5.38 2.35
CA GLU A 201 15.19 -6.73 1.89
C GLU A 201 15.05 -7.74 3.02
N VAL A 202 15.53 -7.40 4.22
CA VAL A 202 15.47 -8.37 5.35
C VAL A 202 14.05 -8.43 5.94
N LEU A 203 13.34 -7.32 5.92
CA LEU A 203 11.93 -7.31 6.41
C LEU A 203 11.05 -8.15 5.48
N ASN A 204 11.24 -8.02 4.18
CA ASN A 204 10.40 -8.75 3.20
C ASN A 204 10.72 -10.23 3.32
N LYS A 205 12.00 -10.56 3.51
CA LYS A 205 12.39 -11.96 3.72
C LYS A 205 11.53 -12.63 4.79
N ASN A 206 11.34 -11.94 5.91
CA ASN A 206 10.66 -12.55 7.08
C ASN A 206 9.19 -12.12 7.16
N GLY A 207 8.72 -11.33 6.19
CA GLY A 207 7.32 -10.87 6.18
C GLY A 207 7.02 -9.92 7.32
N LEU A 208 7.97 -9.06 7.67
CA LEU A 208 7.77 -8.16 8.83
C LEU A 208 7.28 -6.79 8.38
N GLN A 209 6.71 -6.01 9.28
CA GLN A 209 6.07 -4.73 8.89
C GLN A 209 7.01 -3.54 8.84
N LEU A 210 6.92 -2.75 7.76
CA LEU A 210 7.70 -1.49 7.68
C LEU A 210 6.68 -0.38 7.90
N GLY A 211 7.01 0.56 8.77
CA GLY A 211 6.12 1.70 9.01
C GLY A 211 6.48 2.90 8.15
N ASP A 212 6.08 4.08 8.57
CA ASP A 212 6.32 5.29 7.77
C ASP A 212 7.82 5.59 7.70
N THR A 213 8.26 6.14 6.58
CA THR A 213 9.65 6.53 6.40
C THR A 213 9.67 8.05 6.52
N LEU A 214 10.19 8.56 7.62
CA LEU A 214 10.13 10.00 7.88
C LEU A 214 11.36 10.67 7.29
N ASN A 215 11.16 11.63 6.39
CA ASN A 215 12.23 12.31 5.66
C ASN A 215 12.11 13.82 5.87
N CYS A 216 12.97 14.38 6.71
CA CYS A 216 12.92 15.78 7.08
C CYS A 216 13.60 16.64 6.04
N SER A 217 13.49 17.95 6.20
CA SER A 217 13.85 18.91 5.16
C SER A 217 15.23 19.52 5.38
N GLY A 218 15.59 19.89 6.60
CA GLY A 218 16.88 20.54 6.70
C GLY A 218 17.87 19.73 7.49
N ALA A 219 18.51 20.37 8.47
CA ALA A 219 19.40 19.67 9.38
C ALA A 219 18.74 18.40 9.91
N GLU A 220 19.48 17.30 9.87
CA GLU A 220 19.02 16.04 10.51
C GLU A 220 19.40 16.25 11.97
N SER A 221 18.57 16.96 12.72
CA SER A 221 18.96 17.39 14.08
C SER A 221 18.24 16.67 15.21
N TYR A 222 18.56 17.05 16.45
CA TYR A 222 17.90 16.48 17.64
C TYR A 222 16.43 16.88 17.61
N LYS A 223 16.13 18.10 17.14
CA LYS A 223 14.74 18.62 17.15
C LYS A 223 13.92 17.89 16.09
N GLU A 224 14.55 17.48 15.00
CA GLU A 224 13.83 16.70 13.98
C GLU A 224 13.49 15.34 14.55
N GLY A 225 14.28 14.85 15.51
CA GLY A 225 14.00 13.57 16.16
C GLY A 225 12.92 13.71 17.21
N VAL A 226 12.81 14.89 17.80
CA VAL A 226 11.70 15.13 18.78
C VAL A 226 10.41 15.15 17.97
N LYS A 227 10.48 15.70 16.76
CA LYS A 227 9.28 15.81 15.90
C LYS A 227 9.01 14.46 15.27
N ALA A 228 10.04 13.65 15.08
CA ALA A 228 9.83 12.29 14.54
C ALA A 228 9.18 11.45 15.63
N PHE A 229 9.57 11.66 16.89
CA PHE A 229 8.88 10.92 17.94
C PHE A 229 7.44 11.37 18.08
N ALA A 230 7.19 12.67 17.95
CA ALA A 230 5.81 13.15 17.97
C ALA A 230 4.98 12.44 16.91
N LYS A 231 5.51 12.33 15.68
CA LYS A 231 4.77 11.72 14.59
C LYS A 231 4.48 10.24 14.79
N MET A 232 5.18 9.55 15.71
CA MET A 232 4.94 8.13 15.93
C MET A 232 4.55 7.80 17.36
N LYS A 233 4.41 8.82 18.22
CA LYS A 233 4.01 8.58 19.61
C LYS A 233 2.80 7.66 19.71
N GLY A 234 1.93 7.69 18.71
CA GLY A 234 0.71 6.89 18.75
C GLY A 234 0.94 5.42 18.50
N ASN A 235 1.45 5.10 17.31
CA ASN A 235 1.73 3.73 16.92
C ASN A 235 3.25 3.53 16.84
N LEU A 236 3.89 3.49 18.00
CA LEU A 236 5.34 3.33 18.03
C LEU A 236 5.71 1.98 17.44
N PRO A 237 6.77 1.90 16.64
CA PRO A 237 7.30 0.60 16.21
C PRO A 237 8.31 0.03 17.21
N ASP A 238 8.61 -1.26 17.02
CA ASP A 238 9.54 -1.93 17.92
C ASP A 238 10.91 -1.29 17.86
N ALA A 239 11.38 -1.00 16.66
CA ALA A 239 12.75 -0.53 16.42
C ALA A 239 12.73 0.60 15.41
N ILE A 240 13.60 1.58 15.62
CA ILE A 240 13.71 2.75 14.70
C ILE A 240 15.15 2.87 14.24
N LEU A 241 15.38 2.81 12.93
CA LEU A 241 16.74 3.00 12.39
C LEU A 241 16.85 4.47 11.97
N CYS A 242 17.88 5.18 12.42
CA CYS A 242 18.06 6.61 12.08
C CYS A 242 19.44 6.81 11.47
N ILE A 243 19.54 7.68 10.48
CA ILE A 243 20.84 7.91 9.80
C ILE A 243 21.67 8.80 10.72
N SER A 244 21.13 9.94 11.12
CA SER A 244 21.86 10.89 12.00
C SER A 244 21.80 10.39 13.45
N ASP A 245 22.95 10.40 14.11
CA ASP A 245 22.93 10.03 15.53
C ASP A 245 22.33 11.14 16.40
N GLU A 246 22.43 12.42 16.00
CA GLU A 246 21.72 13.45 16.76
C GLU A 246 20.22 13.22 16.71
N GLU A 247 19.71 12.90 15.52
CA GLU A 247 18.28 12.65 15.39
C GLU A 247 17.85 11.49 16.26
N ALA A 248 18.67 10.46 16.30
CA ALA A 248 18.38 9.28 17.14
C ALA A 248 18.33 9.70 18.60
N ILE A 249 19.22 10.62 18.99
CA ILE A 249 19.26 11.09 20.40
C ILE A 249 17.96 11.84 20.68
N GLY A 250 17.43 12.58 19.71
CA GLY A 250 16.15 13.23 19.89
C GLY A 250 14.99 12.25 20.04
N ILE A 251 15.02 11.15 19.31
CA ILE A 251 13.95 10.12 19.48
C ILE A 251 14.14 9.48 20.86
N MET A 252 15.38 9.18 21.23
CA MET A 252 15.62 8.49 22.52
C MET A 252 15.10 9.33 23.69
N HIS A 253 15.53 10.59 23.77
CA HIS A 253 15.11 11.44 24.91
C HIS A 253 13.61 11.69 24.88
N SER A 254 13.04 12.03 23.72
CA SER A 254 11.59 12.20 23.64
C SER A 254 10.84 10.98 24.17
N ALA A 255 11.25 9.77 23.77
CA ALA A 255 10.57 8.57 24.22
C ALA A 255 10.78 8.32 25.71
N MET A 256 11.98 8.54 26.22
CA MET A 256 12.20 8.29 27.62
C MET A 256 11.48 9.31 28.46
N ASP A 257 11.42 10.55 28.00
CA ASP A 257 10.60 11.55 28.70
C ASP A 257 9.13 11.16 28.71
N ALA A 258 8.64 10.55 27.64
CA ALA A 258 7.27 10.07 27.63
C ALA A 258 7.11 8.73 28.34
N GLY A 259 8.11 8.27 29.08
CA GLY A 259 7.99 7.05 29.85
C GLY A 259 8.42 5.76 29.15
N ILE A 260 8.59 5.77 27.82
CA ILE A 260 8.92 4.54 27.09
C ILE A 260 10.31 4.05 27.50
N LYS A 261 10.43 2.74 27.71
CA LYS A 261 11.69 2.18 28.20
C LYS A 261 12.61 1.83 27.03
N VAL A 262 13.82 2.38 27.08
CA VAL A 262 14.77 2.13 26.05
C VAL A 262 15.95 1.42 26.72
N PRO A 263 16.35 0.17 26.27
CA PRO A 263 15.89 -0.49 25.04
C PRO A 263 14.77 -1.49 25.16
N GLU A 264 14.12 -1.61 26.33
CA GLU A 264 13.16 -2.70 26.56
C GLU A 264 11.94 -2.58 25.65
N GLU A 265 11.28 -1.42 25.65
CA GLU A 265 10.11 -1.23 24.80
C GLU A 265 10.46 -0.69 23.44
N LEU A 266 11.51 0.11 23.36
CA LEU A 266 11.95 0.66 22.06
C LEU A 266 13.44 0.59 21.79
N GLN A 267 13.82 0.14 20.61
CA GLN A 267 15.21 0.07 20.23
C GLN A 267 15.57 1.04 19.15
N ILE A 268 16.67 1.75 19.33
CA ILE A 268 17.11 2.79 18.35
C ILE A 268 18.54 2.48 17.91
N ILE A 269 18.85 2.64 16.63
CA ILE A 269 20.24 2.43 16.12
C ILE A 269 20.56 3.51 15.08
N SER A 270 21.79 4.01 15.08
CA SER A 270 22.22 5.04 14.11
C SER A 270 23.18 4.47 13.06
N PHE A 271 23.50 5.27 12.05
CA PHE A 271 24.40 4.82 10.96
C PHE A 271 25.55 5.81 10.79
N ASN A 272 25.25 7.10 10.90
CA ASN A 272 26.29 8.16 10.75
C ASN A 272 26.87 8.47 12.14
N ASN A 273 27.92 7.74 12.54
CA ASN A 273 28.50 7.86 13.89
C ASN A 273 29.29 9.14 14.13
N THR A 274 29.20 9.67 15.34
CA THR A 274 29.99 10.86 15.74
C THR A 274 30.40 10.68 17.19
N ARG A 275 31.12 11.65 17.76
CA ARG A 275 31.48 11.59 19.17
C ARG A 275 30.27 11.61 20.09
N LEU A 276 29.11 12.05 19.60
CA LEU A 276 27.89 12.19 20.44
C LEU A 276 27.42 10.83 20.95
N VAL A 277 27.85 9.75 20.31
CA VAL A 277 27.39 8.38 20.67
C VAL A 277 27.73 8.08 22.13
N GLU A 278 28.87 8.59 22.62
CA GLU A 278 29.32 8.27 24.00
C GLU A 278 28.92 9.38 24.98
N MET A 279 28.52 10.54 24.47
CA MET A 279 28.20 11.69 25.35
C MET A 279 26.78 11.57 25.90
N VAL A 280 26.10 10.45 25.64
CA VAL A 280 24.67 10.34 26.06
C VAL A 280 24.46 9.08 26.88
N ARG A 281 23.42 9.07 27.70
CA ARG A 281 23.08 7.88 28.51
C ARG A 281 21.57 7.66 28.36
N PRO A 282 21.03 6.46 27.97
CA PRO A 282 21.74 5.31 27.32
C PRO A 282 22.70 5.65 26.17
N GLN A 283 23.83 4.95 26.11
CA GLN A 283 24.80 5.17 25.01
C GLN A 283 24.17 4.68 23.72
N LEU A 284 24.54 5.28 22.59
CA LEU A 284 23.83 4.98 21.33
C LEU A 284 24.42 3.79 20.59
N SER A 285 23.60 2.79 20.29
CA SER A 285 24.05 1.66 19.44
C SER A 285 24.16 2.22 18.03
N SER A 286 25.28 1.96 17.36
CA SER A 286 25.50 2.62 16.05
C SER A 286 26.47 1.86 15.16
N VAL A 287 26.46 2.18 13.87
CA VAL A 287 27.49 1.65 12.95
C VAL A 287 28.66 2.60 13.18
N ILE A 288 29.87 2.08 13.31
CA ILE A 288 31.08 2.94 13.43
C ILE A 288 31.78 2.95 12.08
N GLN A 289 31.80 4.09 11.42
CA GLN A 289 32.49 4.24 10.12
C GLN A 289 33.91 4.74 10.39
N PRO A 290 34.91 4.36 9.57
CA PRO A 290 36.27 4.88 9.73
C PRO A 290 36.39 6.32 9.21
N LEU A 291 35.90 7.30 9.95
CA LEU A 291 35.82 8.71 9.48
C LEU A 291 37.14 9.26 8.93
N TYR A 292 38.25 9.09 9.65
CA TYR A 292 39.57 9.59 9.20
C TYR A 292 39.96 8.94 7.88
N ASP A 293 39.72 7.63 7.75
CA ASP A 293 40.08 6.89 6.51
C ASP A 293 39.18 7.33 5.36
N ILE A 294 37.92 7.65 5.63
CA ILE A 294 37.05 8.17 4.54
C ILE A 294 37.72 9.42 3.95
N GLY A 295 38.26 10.29 4.81
CA GLY A 295 38.98 11.43 4.27
C GLY A 295 40.36 11.10 3.73
N ALA A 296 41.03 10.10 4.32
CA ALA A 296 42.37 9.73 3.83
C ALA A 296 42.27 9.11 2.44
N VAL A 297 41.38 8.14 2.27
CA VAL A 297 41.18 7.57 0.95
C VAL A 297 40.77 8.65 -0.04
N GLY A 298 39.88 9.55 0.39
CA GLY A 298 39.43 10.62 -0.49
C GLY A 298 40.59 11.48 -0.98
N MET A 299 41.48 11.88 -0.08
CA MET A 299 42.60 12.72 -0.48
C MET A 299 43.63 11.92 -1.30
N ARG A 300 43.91 10.67 -0.90
CA ARG A 300 44.70 9.80 -1.77
C ARG A 300 44.16 9.80 -3.19
N LEU A 301 42.88 9.40 -3.35
CA LEU A 301 42.24 9.38 -4.67
C LEU A 301 42.35 10.72 -5.37
N LEU A 302 41.98 11.80 -4.68
CA LEU A 302 42.07 13.13 -5.26
C LEU A 302 43.50 13.45 -5.68
N THR A 303 44.48 13.08 -4.84
CA THR A 303 45.86 13.44 -5.14
C THR A 303 46.35 12.75 -6.42
N LYS A 304 45.95 11.49 -6.62
CA LYS A 304 46.36 10.77 -7.82
C LYS A 304 45.86 11.49 -9.07
N TYR A 305 44.58 11.87 -9.08
CA TYR A 305 44.05 12.63 -10.21
C TYR A 305 44.82 13.93 -10.41
N MET A 306 45.06 14.66 -9.31
CA MET A 306 45.76 15.94 -9.42
C MET A 306 47.19 15.77 -9.91
N ASN A 307 47.78 14.60 -9.65
CA ASN A 307 49.10 14.28 -10.17
C ASN A 307 49.02 13.52 -11.48
N ASP A 308 47.87 13.57 -12.14
CA ASP A 308 47.65 12.98 -13.45
C ASP A 308 48.18 11.54 -13.49
N GLU A 309 47.82 10.77 -12.46
CA GLU A 309 48.13 9.36 -12.36
C GLU A 309 46.86 8.53 -12.54
N LYS A 310 47.03 7.30 -13.02
CA LYS A 310 45.89 6.41 -13.16
C LYS A 310 45.51 5.88 -11.78
N ILE A 311 44.26 5.49 -11.64
CA ILE A 311 43.77 4.93 -10.38
C ILE A 311 43.21 3.53 -10.64
N GLU A 312 43.78 2.56 -9.95
CA GLU A 312 43.40 1.16 -10.12
C GLU A 312 41.94 0.92 -9.75
N GLU A 313 41.55 1.30 -8.53
CA GLU A 313 40.20 1.11 -8.02
C GLU A 313 39.65 2.44 -7.53
N PRO A 314 38.93 3.18 -8.38
CA PRO A 314 38.51 4.53 -8.02
C PRO A 314 37.25 4.60 -7.16
N ASN A 315 36.63 3.46 -6.85
CA ASN A 315 35.40 3.44 -6.06
C ASN A 315 35.64 2.53 -4.85
N VAL A 316 36.12 3.12 -3.78
CA VAL A 316 36.57 2.38 -2.62
C VAL A 316 35.42 2.18 -1.65
N VAL A 317 35.30 0.98 -1.12
CA VAL A 317 34.28 0.64 -0.13
C VAL A 317 35.04 0.32 1.15
N LEU A 318 34.88 1.12 2.18
CA LEU A 318 35.68 0.91 3.41
C LEU A 318 34.91 -0.01 4.35
N PRO A 319 35.60 -0.80 5.18
CA PRO A 319 34.90 -1.62 6.16
C PRO A 319 34.17 -0.83 7.23
N HIS A 320 33.20 -1.47 7.90
CA HIS A 320 32.46 -0.82 9.00
C HIS A 320 32.40 -1.74 10.21
N ARG A 321 31.99 -1.18 11.35
CA ARG A 321 31.80 -2.00 12.56
C ARG A 321 30.46 -1.60 13.15
N ILE A 322 29.80 -2.49 13.89
CA ILE A 322 28.54 -2.12 14.58
C ILE A 322 28.74 -2.34 16.07
N GLU A 323 28.73 -1.27 16.85
CA GLU A 323 28.91 -1.38 18.32
C GLU A 323 27.54 -1.24 18.98
N TYR A 324 26.93 -2.35 19.36
CA TYR A 324 25.62 -2.33 20.05
C TYR A 324 25.86 -1.93 21.50
N ARG A 325 25.30 -0.79 21.95
CA ARG A 325 25.68 -0.32 23.31
C ARG A 325 24.60 0.43 24.08
N GLY A 326 23.43 -0.14 24.34
CA GLY A 326 22.50 0.59 25.24
C GLY A 326 21.15 0.99 24.68
N THR A 327 21.07 1.33 23.40
CA THR A 327 19.76 1.61 22.78
C THR A 327 19.24 0.33 22.14
N THR A 328 20.05 -0.72 22.15
CA THR A 328 19.61 -2.04 21.64
C THR A 328 19.57 -3.00 22.82
N LYS A 329 18.71 -4.02 22.75
CA LYS A 329 18.55 -4.99 23.87
C LYS A 329 19.41 -6.22 23.62
N THR B 2 1.13 -6.80 -25.60
CA THR B 2 1.30 -5.59 -26.44
C THR B 2 -0.03 -4.99 -26.91
N VAL B 3 -0.91 -5.77 -27.52
CA VAL B 3 -2.31 -5.37 -27.66
C VAL B 3 -3.01 -5.83 -26.39
N THR B 4 -3.72 -4.93 -25.73
CA THR B 4 -4.41 -5.22 -24.49
C THR B 4 -5.87 -4.87 -24.64
N ILE B 5 -6.63 -5.17 -23.59
CA ILE B 5 -8.07 -4.95 -23.62
C ILE B 5 -8.39 -3.47 -23.78
N TYR B 6 -7.56 -2.59 -23.21
CA TYR B 6 -7.79 -1.15 -23.34
C TYR B 6 -7.48 -0.63 -24.74
N ASP B 7 -6.74 -1.33 -25.56
CA ASP B 7 -6.53 -0.88 -26.93
C ASP B 7 -7.81 -1.12 -27.73
N VAL B 8 -8.40 -2.29 -27.61
CA VAL B 8 -9.64 -2.59 -28.29
C VAL B 8 -10.74 -1.69 -27.78
N ALA B 9 -10.76 -1.46 -26.48
CA ALA B 9 -11.79 -0.64 -25.89
C ALA B 9 -11.77 0.80 -26.33
N ARG B 10 -10.61 1.42 -26.33
CA ARG B 10 -10.49 2.82 -26.72
C ARG B 10 -10.80 3.01 -28.19
N GLU B 11 -10.44 2.03 -29.03
CA GLU B 11 -10.81 2.09 -30.42
C GLU B 11 -12.30 1.96 -30.61
N ALA B 12 -12.92 1.06 -29.87
CA ALA B 12 -14.34 0.80 -30.06
C ALA B 12 -15.22 1.72 -29.27
N ARG B 13 -14.59 2.65 -28.53
CA ARG B 13 -15.33 3.62 -27.67
C ARG B 13 -16.22 2.86 -26.70
N VAL B 14 -15.74 1.73 -26.18
CA VAL B 14 -16.48 0.95 -25.22
C VAL B 14 -15.50 0.79 -24.10
N SER B 15 -15.96 0.29 -22.97
CA SER B 15 -15.08 0.12 -21.84
C SER B 15 -14.40 -1.24 -21.74
N MET B 16 -13.23 -1.29 -21.11
CA MET B 16 -12.60 -2.57 -20.85
C MET B 16 -13.59 -3.59 -20.26
N ALA B 17 -14.59 -3.14 -19.49
CA ALA B 17 -15.63 -4.04 -19.00
C ALA B 17 -16.59 -4.45 -20.12
N THR B 18 -16.93 -3.54 -21.03
CA THR B 18 -17.80 -3.92 -22.14
C THR B 18 -17.09 -4.91 -23.06
N VAL B 19 -15.78 -4.72 -23.27
CA VAL B 19 -15.02 -5.61 -24.15
C VAL B 19 -15.03 -7.03 -23.57
N SER B 20 -14.57 -7.16 -22.32
CA SER B 20 -14.48 -8.47 -21.69
C SER B 20 -15.83 -9.17 -21.64
N ARG B 21 -16.92 -8.41 -21.60
CA ARG B 21 -18.24 -9.01 -21.69
C ARG B 21 -18.39 -9.72 -23.03
N VAL B 22 -17.86 -9.13 -24.09
CA VAL B 22 -17.96 -9.74 -25.41
C VAL B 22 -17.02 -10.94 -25.52
N VAL B 23 -15.80 -10.81 -25.01
CA VAL B 23 -14.83 -11.90 -25.08
C VAL B 23 -15.30 -13.10 -24.28
N ASN B 24 -16.04 -12.86 -23.21
CA ASN B 24 -16.46 -13.94 -22.33
C ASN B 24 -17.80 -14.57 -22.64
N GLY B 25 -18.53 -14.01 -23.59
CA GLY B 25 -19.78 -14.61 -23.98
C GLY B 25 -21.08 -14.22 -23.31
N ASN B 26 -21.09 -13.18 -22.49
CA ASN B 26 -22.34 -12.72 -21.91
C ASN B 26 -23.27 -12.24 -23.01
N GLN B 27 -24.55 -12.55 -22.88
CA GLN B 27 -25.51 -12.16 -23.91
C GLN B 27 -26.09 -10.83 -23.54
N ASN B 28 -25.60 -10.25 -22.46
CA ASN B 28 -26.05 -8.95 -22.02
C ASN B 28 -25.75 -7.88 -23.05
N VAL B 29 -24.60 -7.98 -23.71
CA VAL B 29 -24.19 -6.97 -24.69
C VAL B 29 -25.10 -6.86 -25.89
N LYS B 30 -25.28 -5.64 -26.37
CA LYS B 30 -26.11 -5.43 -27.55
C LYS B 30 -25.42 -5.98 -28.77
N ALA B 31 -26.18 -6.52 -29.71
CA ALA B 31 -25.57 -7.16 -30.88
C ALA B 31 -24.67 -6.19 -31.64
N GLU B 32 -25.08 -4.94 -31.75
CA GLU B 32 -24.25 -3.95 -32.42
C GLU B 32 -22.95 -3.76 -31.69
N THR B 33 -23.01 -3.68 -30.37
CA THR B 33 -21.80 -3.50 -29.59
C THR B 33 -20.94 -4.72 -29.81
N LYS B 34 -21.56 -5.89 -29.86
CA LYS B 34 -20.81 -7.11 -30.03
C LYS B 34 -20.05 -7.15 -31.33
N ASN B 35 -20.67 -6.70 -32.40
CA ASN B 35 -20.03 -6.80 -33.71
C ASN B 35 -18.95 -5.74 -33.91
N LYS B 36 -19.20 -4.54 -33.43
CA LYS B 36 -18.23 -3.49 -33.52
C LYS B 36 -16.99 -3.86 -32.69
N VAL B 37 -17.19 -4.45 -31.52
CA VAL B 37 -16.06 -4.89 -30.70
C VAL B 37 -15.41 -6.09 -31.35
N ASN B 38 -16.18 -7.12 -31.67
CA ASN B 38 -15.62 -8.24 -32.41
C ASN B 38 -14.80 -7.78 -33.61
N GLU B 39 -15.21 -6.69 -34.26
CA GLU B 39 -14.45 -6.18 -35.40
C GLU B 39 -13.03 -5.88 -34.99
N VAL B 40 -12.85 -5.08 -33.96
CA VAL B 40 -11.52 -4.72 -33.59
C VAL B 40 -10.76 -5.95 -33.09
N ILE B 41 -11.44 -6.88 -32.46
CA ILE B 41 -10.75 -8.06 -31.96
C ILE B 41 -10.02 -8.75 -33.09
N LYS B 42 -10.65 -8.83 -34.26
CA LYS B 42 -10.02 -9.53 -35.37
C LYS B 42 -8.92 -8.69 -36.02
N ARG B 43 -9.14 -7.42 -36.25
CA ARG B 43 -8.14 -6.57 -36.88
C ARG B 43 -6.89 -6.54 -36.04
N LEU B 44 -7.09 -6.46 -34.74
CA LEU B 44 -5.96 -6.39 -33.84
C LEU B 44 -5.49 -7.73 -33.32
N ASN B 45 -6.20 -8.81 -33.63
CA ASN B 45 -5.76 -10.16 -33.26
C ASN B 45 -5.70 -10.31 -31.72
N TYR B 46 -6.73 -9.80 -31.05
CA TYR B 46 -6.80 -9.85 -29.60
C TYR B 46 -7.20 -11.25 -29.14
N ARG B 47 -6.31 -11.94 -28.44
CA ARG B 47 -6.54 -13.32 -28.02
C ARG B 47 -6.08 -13.53 -26.58
N PRO B 48 -6.84 -12.96 -25.64
CA PRO B 48 -6.34 -13.11 -24.29
C PRO B 48 -6.41 -14.53 -23.79
N ASN B 49 -7.35 -15.32 -24.30
CA ASN B 49 -7.53 -16.64 -23.75
C ASN B 49 -7.30 -17.80 -24.68
N ALA B 50 -6.51 -18.76 -24.22
CA ALA B 50 -6.23 -19.94 -25.00
C ALA B 50 -7.49 -20.76 -25.14
N THR B 60 -11.96 -32.53 -13.44
CA THR B 60 -12.12 -31.08 -13.37
C THR B 60 -10.99 -30.45 -12.54
N THR B 61 -10.99 -29.13 -12.48
CA THR B 61 -9.83 -28.38 -12.00
C THR B 61 -10.25 -27.25 -11.07
N THR B 62 -9.46 -27.04 -10.02
CA THR B 62 -9.69 -25.94 -9.09
C THR B 62 -8.44 -25.08 -8.95
N VAL B 63 -8.63 -23.77 -9.06
CA VAL B 63 -7.57 -22.78 -8.92
C VAL B 63 -7.79 -22.01 -7.63
N GLY B 64 -6.75 -21.89 -6.83
CA GLY B 64 -6.77 -21.05 -5.64
C GLY B 64 -6.15 -19.71 -5.89
N VAL B 65 -6.81 -18.66 -5.41
CA VAL B 65 -6.33 -17.28 -5.46
C VAL B 65 -6.10 -16.79 -4.05
N ILE B 66 -4.91 -16.26 -3.77
CA ILE B 66 -4.59 -15.62 -2.49
C ILE B 66 -4.50 -14.12 -2.70
N ILE B 67 -5.33 -13.36 -1.98
CA ILE B 67 -5.39 -11.90 -2.07
C ILE B 67 -5.25 -11.31 -0.67
N PRO B 68 -4.54 -10.19 -0.47
CA PRO B 68 -4.46 -9.65 0.91
C PRO B 68 -5.78 -9.08 1.38
N ASP B 69 -6.50 -8.35 0.53
CA ASP B 69 -7.77 -7.74 0.92
C ASP B 69 -8.68 -7.77 -0.30
N ILE B 70 -9.61 -8.74 -0.32
CA ILE B 70 -10.56 -8.88 -1.41
C ILE B 70 -11.57 -7.73 -1.49
N SER B 71 -11.64 -6.87 -0.48
CA SER B 71 -12.57 -5.74 -0.52
C SER B 71 -11.95 -4.49 -1.12
N ASN B 72 -10.64 -4.48 -1.33
CA ASN B 72 -9.99 -3.46 -2.12
C ASN B 72 -10.50 -3.54 -3.56
N ILE B 73 -11.07 -2.45 -4.07
CA ILE B 73 -11.73 -2.49 -5.41
C ILE B 73 -10.76 -2.94 -6.51
N TYR B 74 -9.55 -2.42 -6.53
CA TYR B 74 -8.60 -2.90 -7.54
C TYR B 74 -8.44 -4.41 -7.50
N TYR B 75 -8.21 -5.01 -6.32
CA TYR B 75 -7.99 -6.46 -6.27
C TYR B 75 -9.28 -7.24 -6.49
N SER B 76 -10.44 -6.66 -6.21
CA SER B 76 -11.67 -7.38 -6.43
C SER B 76 -12.06 -7.36 -7.91
N GLN B 77 -11.62 -6.37 -8.67
CA GLN B 77 -11.77 -6.41 -10.11
C GLN B 77 -10.84 -7.44 -10.72
N LEU B 78 -9.56 -7.38 -10.38
CA LEU B 78 -8.63 -8.39 -10.84
C LEU B 78 -9.16 -9.79 -10.58
N ALA B 79 -9.75 -10.02 -9.41
CA ALA B 79 -10.24 -11.35 -9.07
C ALA B 79 -11.54 -11.66 -9.78
N ARG B 80 -12.36 -10.64 -10.06
CA ARG B 80 -13.53 -10.85 -10.89
C ARG B 80 -13.11 -11.26 -12.29
N GLY B 81 -12.07 -10.66 -12.84
CA GLY B 81 -11.56 -11.07 -14.14
C GLY B 81 -11.05 -12.50 -14.12
N LEU B 82 -10.21 -12.84 -13.13
CA LEU B 82 -9.77 -14.23 -13.01
C LEU B 82 -10.96 -15.18 -12.84
N GLU B 83 -12.06 -14.70 -12.26
CA GLU B 83 -13.23 -15.56 -12.13
C GLU B 83 -13.79 -15.90 -13.49
N ASP B 84 -14.09 -14.88 -14.27
CA ASP B 84 -14.67 -15.09 -15.58
C ASP B 84 -13.79 -15.95 -16.45
N ILE B 85 -12.51 -15.65 -16.47
CA ILE B 85 -11.62 -16.37 -17.33
C ILE B 85 -11.58 -17.83 -16.94
N ALA B 86 -11.62 -18.11 -15.65
CA ALA B 86 -11.65 -19.48 -15.19
C ALA B 86 -12.91 -20.21 -15.65
N THR B 87 -14.04 -19.52 -15.65
CA THR B 87 -15.28 -20.10 -16.10
C THR B 87 -15.14 -20.50 -17.55
N MET B 88 -14.52 -19.64 -18.34
CA MET B 88 -14.31 -19.92 -19.74
C MET B 88 -13.41 -21.12 -19.93
N TYR B 89 -12.43 -21.27 -19.06
CA TYR B 89 -11.51 -22.36 -19.18
C TYR B 89 -12.11 -23.58 -18.51
N LYS B 90 -13.35 -23.49 -18.06
CA LYS B 90 -14.01 -24.59 -17.35
C LYS B 90 -13.33 -24.98 -16.07
N TYR B 91 -12.86 -23.99 -15.33
CA TYR B 91 -12.14 -24.23 -14.10
C TYR B 91 -12.92 -23.77 -12.91
N HIS B 92 -12.59 -24.30 -11.75
CA HIS B 92 -13.23 -23.86 -10.53
C HIS B 92 -12.25 -22.93 -9.84
N SER B 93 -12.74 -22.03 -9.00
CA SER B 93 -11.87 -21.05 -8.35
C SER B 93 -12.33 -20.78 -6.93
N ILE B 94 -11.38 -20.81 -6.00
CA ILE B 94 -11.62 -20.46 -4.61
C ILE B 94 -10.69 -19.32 -4.22
N ILE B 95 -11.20 -18.38 -3.42
CA ILE B 95 -10.48 -17.16 -3.05
C ILE B 95 -10.34 -17.12 -1.53
N SER B 96 -9.14 -16.78 -1.06
CA SER B 96 -8.87 -16.61 0.37
C SER B 96 -8.15 -15.29 0.64
N ASN B 97 -8.57 -14.61 1.71
CA ASN B 97 -8.09 -13.31 2.13
C ASN B 97 -6.97 -13.46 3.15
N SER B 98 -5.79 -12.88 2.87
CA SER B 98 -4.58 -13.11 3.66
C SER B 98 -4.07 -11.93 4.50
N ASP B 99 -4.53 -10.69 4.24
CA ASP B 99 -4.00 -9.47 4.83
C ASP B 99 -2.49 -9.29 4.63
N ASN B 100 -1.86 -10.05 3.72
CA ASN B 100 -0.40 -10.12 3.65
C ASN B 100 0.21 -10.38 5.02
N ASP B 101 -0.53 -11.07 5.86
CA ASP B 101 0.02 -11.59 7.09
C ASP B 101 0.80 -12.87 6.79
N PRO B 102 2.08 -12.94 7.12
CA PRO B 102 2.87 -14.12 6.73
C PRO B 102 2.34 -15.42 7.32
N GLU B 103 1.80 -15.38 8.54
CA GLU B 103 1.22 -16.60 9.10
C GLU B 103 -0.06 -16.97 8.38
N LYS B 104 -0.96 -16.01 8.22
CA LYS B 104 -2.20 -16.26 7.49
C LYS B 104 -1.91 -16.78 6.09
N GLU B 105 -0.88 -16.24 5.42
CA GLU B 105 -0.53 -16.71 4.08
C GLU B 105 -0.11 -18.17 4.10
N LYS B 106 0.69 -18.56 5.09
CA LYS B 106 1.11 -19.95 5.20
C LYS B 106 -0.08 -20.88 5.48
N GLU B 107 -1.01 -20.45 6.34
CA GLU B 107 -2.19 -21.27 6.57
C GLU B 107 -2.98 -21.45 5.28
N ILE B 108 -3.18 -20.36 4.53
CA ILE B 108 -3.99 -20.41 3.32
C ILE B 108 -3.34 -21.33 2.30
N PHE B 109 -2.05 -21.15 2.07
CA PHE B 109 -1.34 -21.98 1.11
C PHE B 109 -1.46 -23.45 1.48
N ASN B 110 -1.28 -23.78 2.76
CA ASN B 110 -1.37 -25.18 3.19
C ASN B 110 -2.80 -25.69 3.10
N ASN B 111 -3.78 -24.85 3.43
CA ASN B 111 -5.17 -25.28 3.27
C ASN B 111 -5.47 -25.58 1.80
N LEU B 112 -4.97 -24.72 0.90
CA LEU B 112 -5.22 -24.91 -0.52
C LEU B 112 -4.60 -26.22 -1.01
N LEU B 113 -3.32 -26.43 -0.71
CA LEU B 113 -2.66 -27.69 -1.01
C LEU B 113 -3.50 -28.87 -0.49
N SER B 114 -3.87 -28.80 0.80
CA SER B 114 -4.59 -29.91 1.41
C SER B 114 -5.94 -30.16 0.74
N LYS B 115 -6.59 -29.12 0.21
CA LYS B 115 -7.80 -29.31 -0.58
C LYS B 115 -7.50 -29.63 -2.06
N GLN B 116 -6.23 -29.94 -2.37
CA GLN B 116 -5.80 -30.42 -3.69
C GLN B 116 -6.33 -29.54 -4.83
N VAL B 117 -6.07 -28.23 -4.72
CA VAL B 117 -6.19 -27.35 -5.87
C VAL B 117 -5.12 -27.73 -6.88
N ASP B 118 -5.29 -27.22 -8.11
CA ASP B 118 -4.36 -27.57 -9.17
C ASP B 118 -3.37 -26.47 -9.50
N GLY B 119 -3.75 -25.22 -9.27
CA GLY B 119 -2.80 -24.12 -9.36
C GLY B 119 -3.23 -23.02 -8.41
N ILE B 120 -2.24 -22.24 -7.96
CA ILE B 120 -2.46 -21.13 -7.04
C ILE B 120 -1.97 -19.84 -7.70
N ILE B 121 -2.78 -18.81 -7.64
CA ILE B 121 -2.38 -17.44 -8.01
C ILE B 121 -2.34 -16.58 -6.75
N PHE B 122 -1.20 -15.93 -6.52
CA PHE B 122 -1.05 -14.82 -5.55
C PHE B 122 -1.30 -13.49 -6.25
N LEU B 123 -2.27 -12.71 -5.77
CA LEU B 123 -2.42 -11.31 -6.17
C LEU B 123 -1.98 -10.41 -5.02
N GLY B 124 -1.02 -9.53 -5.29
CA GLY B 124 -0.47 -8.69 -4.24
C GLY B 124 0.24 -9.47 -3.16
N GLY B 125 0.83 -8.80 -2.17
CA GLY B 125 1.36 -9.51 -1.02
C GLY B 125 2.86 -9.73 -1.08
N THR B 126 3.34 -10.58 -0.17
CA THR B 126 4.78 -10.79 0.01
C THR B 126 5.07 -12.27 0.21
N ILE B 127 5.99 -12.81 -0.57
CA ILE B 127 6.42 -14.20 -0.45
C ILE B 127 7.59 -14.22 0.52
N THR B 128 7.37 -14.71 1.75
CA THR B 128 8.46 -14.85 2.72
C THR B 128 9.42 -15.96 2.30
N GLU B 129 10.59 -15.97 2.92
CA GLU B 129 11.55 -17.08 2.75
C GLU B 129 10.86 -18.42 3.01
N GLU B 130 10.20 -18.52 4.16
CA GLU B 130 9.40 -19.69 4.48
C GLU B 130 8.45 -20.03 3.35
N MET B 131 7.67 -19.03 2.89
CA MET B 131 6.66 -19.24 1.86
C MET B 131 7.27 -19.75 0.56
N LYS B 132 8.41 -19.18 0.16
CA LYS B 132 9.09 -19.64 -1.03
C LYS B 132 9.44 -21.13 -0.93
N GLU B 133 10.02 -21.53 0.21
CA GLU B 133 10.38 -22.92 0.46
C GLU B 133 9.18 -23.85 0.31
N LEU B 134 8.05 -23.47 0.89
CA LEU B 134 6.83 -24.26 0.72
C LEU B 134 6.49 -24.41 -0.75
N ILE B 135 6.67 -23.33 -1.51
CA ILE B 135 6.32 -23.34 -2.93
C ILE B 135 7.29 -24.23 -3.71
N ASN B 136 8.55 -24.24 -3.29
CA ASN B 136 9.57 -25.05 -3.97
C ASN B 136 9.29 -26.54 -3.77
N GLN B 137 9.13 -26.96 -2.52
CA GLN B 137 8.85 -28.37 -2.24
C GLN B 137 7.46 -28.81 -2.70
N SER B 138 6.56 -27.89 -3.03
CA SER B 138 5.25 -28.29 -3.51
C SER B 138 5.28 -28.50 -5.02
N SER B 139 4.31 -29.27 -5.48
CA SER B 139 4.15 -29.57 -6.90
C SER B 139 3.09 -28.69 -7.55
N VAL B 140 2.20 -28.10 -6.77
CA VAL B 140 1.20 -27.21 -7.36
C VAL B 140 1.91 -26.02 -8.00
N PRO B 141 1.64 -25.70 -9.27
CA PRO B 141 2.30 -24.53 -9.88
C PRO B 141 1.76 -23.23 -9.33
N VAL B 142 2.61 -22.19 -9.33
CA VAL B 142 2.21 -20.88 -8.73
C VAL B 142 2.54 -19.73 -9.68
N VAL B 143 1.58 -18.84 -9.94
CA VAL B 143 1.83 -17.61 -10.75
C VAL B 143 1.61 -16.43 -9.81
N VAL B 144 2.48 -15.42 -9.87
CA VAL B 144 2.38 -14.24 -8.95
C VAL B 144 2.12 -12.95 -9.72
N SER B 145 1.28 -12.08 -9.19
CA SER B 145 1.08 -10.76 -9.79
C SER B 145 1.12 -9.72 -8.68
N GLY B 146 2.05 -8.77 -8.78
CA GLY B 146 2.06 -7.70 -7.82
C GLY B 146 2.55 -8.14 -6.46
N THR B 147 3.43 -9.15 -6.40
CA THR B 147 4.02 -9.60 -5.14
C THR B 147 5.48 -9.19 -5.06
N ASN B 148 5.99 -9.11 -3.82
CA ASN B 148 7.42 -8.94 -3.64
C ASN B 148 7.96 -9.96 -2.65
N GLY B 149 9.20 -9.77 -2.22
CA GLY B 149 9.85 -10.71 -1.34
C GLY B 149 10.63 -11.72 -2.16
N LYS B 150 10.54 -12.98 -1.80
CA LYS B 150 11.43 -14.02 -2.32
C LYS B 150 10.83 -14.69 -3.56
N ASP B 151 10.39 -13.90 -4.53
CA ASP B 151 9.57 -14.44 -5.62
C ASP B 151 10.32 -14.56 -6.94
N ALA B 152 11.64 -14.56 -6.92
CA ALA B 152 12.38 -14.84 -8.15
C ALA B 152 12.12 -16.28 -8.57
N HIS B 153 12.21 -16.52 -9.87
CA HIS B 153 12.00 -17.84 -10.47
C HIS B 153 10.59 -18.37 -10.20
N ILE B 154 9.65 -17.45 -10.02
CA ILE B 154 8.20 -17.82 -9.93
C ILE B 154 7.57 -17.03 -11.09
N ALA B 155 6.67 -17.64 -11.86
CA ALA B 155 6.08 -16.97 -13.04
C ALA B 155 5.36 -15.70 -12.60
N SER B 156 5.39 -14.65 -13.44
CA SER B 156 4.84 -13.35 -13.02
C SER B 156 4.09 -12.60 -14.11
N VAL B 157 3.22 -11.66 -13.73
CA VAL B 157 2.53 -10.77 -14.71
C VAL B 157 2.34 -9.41 -14.02
N ASN B 158 2.91 -8.32 -14.57
CA ASN B 158 2.91 -7.00 -13.97
C ASN B 158 3.03 -5.96 -15.07
N ILE B 159 2.56 -4.74 -14.79
CA ILE B 159 3.04 -3.62 -15.58
C ILE B 159 4.41 -3.23 -15.02
N ASP B 160 5.09 -2.32 -15.68
CA ASP B 160 6.34 -1.78 -15.15
C ASP B 160 5.98 -0.58 -14.28
N PHE B 161 5.88 -0.79 -12.97
CA PHE B 161 5.55 0.31 -12.06
C PHE B 161 6.63 1.37 -12.05
N THR B 162 7.89 0.94 -12.05
CA THR B 162 9.02 1.86 -12.04
C THR B 162 8.99 2.79 -13.24
N GLU B 163 8.73 2.25 -14.43
CA GLU B 163 8.71 3.11 -15.62
C GLU B 163 7.51 4.05 -15.58
N ALA B 164 6.37 3.52 -15.14
CA ALA B 164 5.20 4.37 -14.93
C ALA B 164 5.52 5.53 -14.01
N ALA B 165 6.26 5.27 -12.92
CA ALA B 165 6.59 6.32 -11.95
C ALA B 165 7.55 7.34 -12.54
N LYS B 166 8.48 6.89 -13.38
CA LYS B 166 9.38 7.84 -14.03
C LYS B 166 8.62 8.77 -14.95
N GLU B 167 7.70 8.21 -15.75
CA GLU B 167 6.88 9.02 -16.66
C GLU B 167 6.08 10.04 -15.87
N ILE B 168 5.34 9.57 -14.88
CA ILE B 168 4.50 10.45 -14.07
C ILE B 168 5.33 11.54 -13.42
N THR B 169 6.44 11.15 -12.80
CA THR B 169 7.25 12.12 -12.06
C THR B 169 7.78 13.23 -12.97
N GLY B 170 8.23 12.89 -14.17
CA GLY B 170 8.74 13.92 -15.05
C GLY B 170 7.66 14.89 -15.48
N GLU B 171 6.48 14.37 -15.79
CA GLU B 171 5.37 15.22 -16.19
C GLU B 171 5.00 16.18 -15.07
N LEU B 172 4.92 15.68 -13.84
CA LEU B 172 4.58 16.55 -12.72
C LEU B 172 5.61 17.65 -12.54
N ILE B 173 6.87 17.36 -12.85
CA ILE B 173 7.96 18.34 -12.76
C ILE B 173 7.83 19.38 -13.87
N GLU B 174 7.49 18.96 -15.10
CA GLU B 174 7.25 19.91 -16.17
C GLU B 174 6.07 20.84 -15.86
N LYS B 175 5.15 20.42 -14.99
CA LYS B 175 4.04 21.26 -14.59
C LYS B 175 4.34 22.01 -13.31
N GLY B 176 5.57 21.96 -12.83
CA GLY B 176 6.01 22.83 -11.76
C GLY B 176 6.07 22.24 -10.37
N ALA B 177 5.79 20.96 -10.19
CA ALA B 177 5.92 20.37 -8.86
C ALA B 177 7.38 20.29 -8.46
N LYS B 178 7.65 20.56 -7.18
CA LYS B 178 9.01 20.47 -6.66
C LYS B 178 9.12 19.71 -5.33
N SER B 179 8.01 19.44 -4.65
CA SER B 179 7.98 18.60 -3.45
C SER B 179 7.06 17.41 -3.69
N PHE B 180 7.51 16.22 -3.26
CA PHE B 180 6.81 14.99 -3.56
C PHE B 180 6.71 14.08 -2.34
N ALA B 181 5.55 13.42 -2.20
CA ALA B 181 5.33 12.39 -1.19
C ALA B 181 4.71 11.18 -1.87
N LEU B 182 4.97 10.01 -1.30
CA LEU B 182 4.45 8.73 -1.78
C LEU B 182 3.64 8.10 -0.67
N VAL B 183 2.39 7.76 -0.98
CA VAL B 183 1.47 7.14 0.02
C VAL B 183 1.11 5.73 -0.46
N GLY B 184 1.44 4.72 0.36
CA GLY B 184 1.17 3.32 -0.01
C GLY B 184 0.73 2.47 1.15
N GLY B 185 0.94 1.16 1.07
CA GLY B 185 0.46 0.25 2.12
C GLY B 185 1.25 -1.04 2.19
N GLU B 186 0.78 -1.98 3.01
CA GLU B 186 1.53 -3.25 3.20
C GLU B 186 0.90 -4.37 2.38
N HIS B 187 -0.22 -4.08 1.72
CA HIS B 187 -0.89 -5.09 0.86
C HIS B 187 -0.30 -5.02 -0.55
N SER B 188 -0.10 -3.81 -1.08
CA SER B 188 0.49 -3.62 -2.43
C SER B 188 1.91 -3.11 -2.27
N LYS B 189 2.85 -3.97 -1.91
CA LYS B 189 4.23 -3.54 -1.59
C LYS B 189 5.11 -3.50 -2.83
N LYS B 190 4.89 -4.38 -3.79
CA LYS B 190 5.66 -4.31 -5.06
C LYS B 190 5.43 -2.93 -5.70
N ALA B 191 4.17 -2.55 -5.91
CA ALA B 191 3.87 -1.26 -6.50
C ALA B 191 4.53 -0.15 -5.70
N GLN B 192 4.41 -0.20 -4.37
CA GLN B 192 5.06 0.82 -3.50
C GLN B 192 6.56 0.87 -3.76
N GLU B 193 7.25 -0.26 -3.68
CA GLU B 193 8.72 -0.21 -3.80
C GLU B 193 9.13 0.20 -5.20
N ASP B 194 8.53 -0.41 -6.21
CA ASP B 194 8.87 -0.09 -7.60
C ASP B 194 8.54 1.36 -7.95
N VAL B 195 7.42 1.88 -7.44
CA VAL B 195 7.15 3.30 -7.67
C VAL B 195 8.19 4.18 -6.96
N LEU B 196 8.58 3.83 -5.73
CA LEU B 196 9.58 4.64 -5.03
C LEU B 196 10.86 4.70 -5.82
N GLU B 197 11.27 3.55 -6.38
CA GLU B 197 12.50 3.50 -7.15
C GLU B 197 12.47 4.48 -8.30
N GLY B 198 11.35 4.54 -9.02
CA GLY B 198 11.27 5.36 -10.21
C GLY B 198 11.11 6.82 -9.83
N LEU B 199 10.35 7.07 -8.76
CA LEU B 199 10.13 8.43 -8.31
C LEU B 199 11.44 9.05 -7.81
N THR B 200 12.19 8.32 -6.97
CA THR B 200 13.41 8.87 -6.41
C THR B 200 14.45 9.08 -7.51
N GLU B 201 14.51 8.20 -8.49
CA GLU B 201 15.52 8.36 -9.53
C GLU B 201 15.33 9.68 -10.28
N VAL B 202 14.09 10.00 -10.66
CA VAL B 202 13.84 11.27 -11.35
C VAL B 202 14.02 12.45 -10.40
N LEU B 203 13.65 12.28 -9.13
CA LEU B 203 13.76 13.38 -8.16
C LEU B 203 15.24 13.69 -7.92
N ASN B 204 16.09 12.67 -7.92
CA ASN B 204 17.53 12.86 -7.62
C ASN B 204 18.22 13.52 -8.82
N LYS B 205 17.85 13.12 -10.03
CA LYS B 205 18.44 13.71 -11.26
C LYS B 205 18.12 15.21 -11.30
N ASN B 206 16.98 15.61 -10.76
CA ASN B 206 16.63 17.03 -10.72
C ASN B 206 16.94 17.65 -9.37
N GLY B 207 17.46 16.88 -8.43
CA GLY B 207 17.75 17.40 -7.09
C GLY B 207 16.52 17.92 -6.39
N LEU B 208 15.36 17.30 -6.63
CA LEU B 208 14.10 17.79 -6.02
C LEU B 208 13.85 17.08 -4.69
N GLN B 209 12.85 17.51 -3.93
CA GLN B 209 12.66 17.01 -2.56
C GLN B 209 11.66 15.87 -2.43
N LEU B 210 12.02 14.82 -1.71
CA LEU B 210 11.08 13.72 -1.41
C LEU B 210 10.77 13.83 0.08
N GLY B 211 9.49 13.94 0.42
CA GLY B 211 9.08 14.04 1.82
C GLY B 211 8.81 12.69 2.41
N ASP B 212 7.85 12.60 3.32
CA ASP B 212 7.66 11.32 3.98
C ASP B 212 7.05 10.31 3.02
N THR B 213 7.28 9.04 3.35
CA THR B 213 6.62 7.91 2.70
C THR B 213 5.65 7.36 3.72
N LEU B 214 4.36 7.51 3.44
CA LEU B 214 3.33 7.05 4.40
C LEU B 214 2.92 5.63 4.03
N ASN B 215 3.40 4.65 4.80
CA ASN B 215 3.05 3.22 4.56
C ASN B 215 2.00 2.78 5.59
N CYS B 216 0.77 2.55 5.14
CA CYS B 216 -0.33 2.10 6.02
C CYS B 216 -0.14 0.61 6.38
N SER B 217 -0.88 0.13 7.37
CA SER B 217 -0.67 -1.26 7.85
C SER B 217 -1.72 -2.18 7.24
N GLY B 218 -2.98 -1.75 7.22
CA GLY B 218 -4.02 -2.66 6.74
C GLY B 218 -4.54 -2.29 5.37
N ALA B 219 -5.86 -2.11 5.26
CA ALA B 219 -6.47 -1.80 3.96
C ALA B 219 -6.04 -0.43 3.45
N GLU B 220 -5.60 -0.33 2.20
CA GLU B 220 -5.26 0.98 1.58
C GLU B 220 -6.60 1.59 1.18
N SER B 221 -7.28 2.25 2.12
CA SER B 221 -8.66 2.66 1.85
C SER B 221 -8.90 4.16 1.82
N TYR B 222 -10.12 4.55 1.47
CA TYR B 222 -10.51 5.96 1.55
C TYR B 222 -10.16 6.57 2.90
N LYS B 223 -10.50 5.86 4.00
CA LYS B 223 -10.26 6.42 5.33
C LYS B 223 -8.76 6.54 5.62
N GLU B 224 -7.94 5.62 5.09
CA GLU B 224 -6.49 5.80 5.19
C GLU B 224 -6.06 7.07 4.46
N GLY B 225 -6.71 7.36 3.33
CA GLY B 225 -6.46 8.60 2.63
C GLY B 225 -6.74 9.81 3.49
N VAL B 226 -7.82 9.75 4.29
CA VAL B 226 -8.15 10.88 5.17
C VAL B 226 -7.08 11.05 6.24
N LYS B 227 -6.67 9.95 6.87
CA LYS B 227 -5.62 10.05 7.89
C LYS B 227 -4.30 10.53 7.30
N ALA B 228 -4.00 10.16 6.05
CA ALA B 228 -2.71 10.53 5.47
C ALA B 228 -2.69 12.01 5.10
N PHE B 229 -3.81 12.59 4.69
CA PHE B 229 -3.85 14.03 4.52
C PHE B 229 -3.64 14.73 5.85
N ALA B 230 -4.34 14.29 6.89
CA ALA B 230 -4.12 14.81 8.22
C ALA B 230 -2.64 14.84 8.56
N LYS B 231 -1.93 13.74 8.26
CA LYS B 231 -0.51 13.67 8.55
C LYS B 231 0.32 14.67 7.73
N MET B 232 -0.24 15.24 6.66
CA MET B 232 0.50 16.13 5.78
C MET B 232 -0.07 17.54 5.73
N LYS B 233 -1.22 17.77 6.38
CA LYS B 233 -1.93 19.04 6.26
C LYS B 233 -1.06 20.25 6.63
N GLY B 234 -0.09 20.06 7.51
CA GLY B 234 0.79 21.18 7.85
C GLY B 234 1.69 21.59 6.71
N ASN B 235 2.42 20.62 6.14
CA ASN B 235 3.38 20.89 5.08
C ASN B 235 3.04 20.03 3.86
N LEU B 236 1.90 20.33 3.22
CA LEU B 236 1.52 19.58 2.04
C LEU B 236 2.61 19.67 0.98
N PRO B 237 2.88 18.60 0.24
CA PRO B 237 3.81 18.70 -0.88
C PRO B 237 3.08 19.20 -2.12
N ASP B 238 3.87 19.47 -3.15
CA ASP B 238 3.29 19.86 -4.43
C ASP B 238 2.42 18.75 -5.01
N ALA B 239 2.91 17.51 -4.95
CA ALA B 239 2.25 16.39 -5.60
C ALA B 239 2.31 15.17 -4.70
N ILE B 240 1.25 14.37 -4.75
CA ILE B 240 1.15 13.15 -3.98
C ILE B 240 0.96 11.99 -4.95
N LEU B 241 1.95 11.10 -5.02
CA LEU B 241 1.79 9.82 -5.68
C LEU B 241 1.18 8.84 -4.71
N CYS B 242 0.10 8.20 -5.11
CA CYS B 242 -0.70 7.37 -4.23
C CYS B 242 -0.92 6.05 -4.94
N ILE B 243 -0.67 4.91 -4.30
CA ILE B 243 -0.78 3.61 -5.02
C ILE B 243 -2.26 3.25 -5.20
N SER B 244 -3.04 3.36 -4.15
CA SER B 244 -4.43 2.94 -4.18
C SER B 244 -5.30 4.11 -4.59
N ASP B 245 -6.23 3.90 -5.52
CA ASP B 245 -7.09 5.00 -6.01
C ASP B 245 -8.07 5.44 -4.90
N GLU B 246 -8.50 4.50 -4.07
CA GLU B 246 -9.43 4.82 -2.96
C GLU B 246 -8.72 5.74 -1.98
N GLU B 247 -7.45 5.43 -1.69
CA GLU B 247 -6.70 6.26 -0.75
C GLU B 247 -6.49 7.65 -1.33
N ALA B 248 -6.17 7.74 -2.63
CA ALA B 248 -5.99 9.04 -3.26
C ALA B 248 -7.28 9.85 -3.27
N ILE B 249 -8.43 9.18 -3.25
CA ILE B 249 -9.74 9.92 -3.21
C ILE B 249 -9.95 10.49 -1.81
N GLY B 250 -9.51 9.78 -0.78
CA GLY B 250 -9.58 10.33 0.55
C GLY B 250 -8.69 11.55 0.72
N ILE B 251 -7.50 11.52 0.15
CA ILE B 251 -6.61 12.73 0.20
C ILE B 251 -7.27 13.88 -0.55
N MET B 252 -7.78 13.63 -1.76
CA MET B 252 -8.41 14.69 -2.60
C MET B 252 -9.54 15.37 -1.83
N HIS B 253 -10.55 14.60 -1.45
CA HIS B 253 -11.71 15.15 -0.72
C HIS B 253 -11.23 15.90 0.52
N SER B 254 -10.34 15.30 1.32
CA SER B 254 -9.88 15.98 2.53
C SER B 254 -9.27 17.33 2.19
N ALA B 255 -8.36 17.35 1.24
CA ALA B 255 -7.69 18.62 0.85
C ALA B 255 -8.73 19.63 0.39
N MET B 256 -9.71 19.19 -0.38
CA MET B 256 -10.68 20.14 -0.95
C MET B 256 -11.62 20.62 0.17
N ASP B 257 -11.92 19.74 1.12
CA ASP B 257 -12.77 20.12 2.27
C ASP B 257 -11.99 21.12 3.11
N ALA B 258 -10.66 20.99 3.11
CA ALA B 258 -9.84 21.97 3.82
C ALA B 258 -9.45 23.17 2.93
N GLY B 259 -10.14 23.38 1.82
CA GLY B 259 -9.93 24.56 0.99
C GLY B 259 -8.73 24.54 0.06
N ILE B 260 -7.87 23.51 0.12
CA ILE B 260 -6.78 23.36 -0.84
C ILE B 260 -7.36 23.12 -2.22
N LYS B 261 -6.85 23.82 -3.24
CA LYS B 261 -7.45 23.66 -4.58
C LYS B 261 -6.73 22.56 -5.33
N VAL B 262 -7.50 21.68 -5.96
CA VAL B 262 -6.90 20.54 -6.73
C VAL B 262 -7.39 20.71 -8.17
N PRO B 263 -6.51 20.90 -9.16
CA PRO B 263 -5.09 20.65 -9.01
C PRO B 263 -4.20 21.89 -8.90
N GLU B 264 -4.77 23.06 -8.61
CA GLU B 264 -4.01 24.30 -8.66
C GLU B 264 -2.94 24.36 -7.58
N GLU B 265 -3.25 23.92 -6.37
CA GLU B 265 -2.25 23.88 -5.31
C GLU B 265 -1.71 22.48 -5.03
N LEU B 266 -2.48 21.42 -5.28
CA LEU B 266 -2.05 20.07 -4.95
C LEU B 266 -2.45 19.13 -6.09
N GLN B 267 -1.47 18.38 -6.59
CA GLN B 267 -1.72 17.39 -7.63
C GLN B 267 -1.67 15.99 -7.02
N ILE B 268 -2.51 15.10 -7.55
CA ILE B 268 -2.62 13.73 -7.04
C ILE B 268 -2.71 12.78 -8.21
N ILE B 269 -2.02 11.65 -8.12
CA ILE B 269 -2.02 10.62 -9.19
C ILE B 269 -2.07 9.23 -8.55
N SER B 270 -2.87 8.34 -9.13
CA SER B 270 -3.01 6.95 -8.60
C SER B 270 -2.25 5.97 -9.47
N PHE B 271 -2.13 4.74 -9.02
CA PHE B 271 -1.38 3.70 -9.77
C PHE B 271 -2.26 2.45 -9.95
N ASN B 272 -3.07 2.10 -8.93
CA ASN B 272 -3.88 0.89 -9.03
C ASN B 272 -5.31 1.33 -9.37
N ASN B 273 -5.53 1.42 -10.69
CA ASN B 273 -6.78 1.98 -11.24
C ASN B 273 -7.98 1.05 -11.15
N THR B 274 -9.15 1.65 -10.92
CA THR B 274 -10.42 0.91 -10.84
C THR B 274 -11.45 1.78 -11.57
N ARG B 275 -12.73 1.48 -11.38
CA ARG B 275 -13.80 2.29 -12.00
C ARG B 275 -13.99 3.61 -11.24
N LEU B 276 -13.52 3.67 -10.00
CA LEU B 276 -13.70 4.86 -9.14
C LEU B 276 -13.04 6.08 -9.76
N VAL B 277 -12.00 5.88 -10.56
CA VAL B 277 -11.23 7.00 -11.17
C VAL B 277 -12.19 7.95 -11.89
N GLU B 278 -13.25 7.43 -12.52
CA GLU B 278 -14.18 8.28 -13.31
C GLU B 278 -15.53 8.41 -12.61
N MET B 279 -15.68 7.82 -11.42
CA MET B 279 -16.96 7.90 -10.66
C MET B 279 -16.86 9.06 -9.67
N VAL B 280 -15.74 9.78 -9.66
CA VAL B 280 -15.55 10.86 -8.67
C VAL B 280 -15.33 12.17 -9.41
N ARG B 281 -15.52 13.30 -8.74
CA ARG B 281 -15.27 14.63 -9.35
C ARG B 281 -14.45 15.42 -8.33
N PRO B 282 -13.35 16.13 -8.71
CA PRO B 282 -12.61 15.88 -9.95
C PRO B 282 -12.21 14.44 -10.24
N GLN B 283 -12.18 14.08 -11.52
CA GLN B 283 -11.79 12.71 -11.90
C GLN B 283 -10.34 12.49 -11.52
N LEU B 284 -9.93 11.26 -11.29
CA LEU B 284 -8.58 11.02 -10.77
C LEU B 284 -7.59 10.79 -11.91
N SER B 285 -6.46 11.47 -11.89
CA SER B 285 -5.40 11.18 -12.89
C SER B 285 -4.74 9.88 -12.44
N SER B 286 -4.51 8.94 -13.34
CA SER B 286 -4.03 7.61 -12.90
C SER B 286 -3.30 6.85 -13.98
N VAL B 287 -2.54 5.85 -13.56
CA VAL B 287 -1.94 4.90 -14.54
C VAL B 287 -3.10 3.96 -14.83
N ILE B 288 -3.29 3.59 -16.08
CA ILE B 288 -4.35 2.60 -16.41
C ILE B 288 -3.69 1.24 -16.68
N GLN B 289 -3.75 0.32 -15.72
CA GLN B 289 -3.27 -1.02 -15.99
C GLN B 289 -4.30 -1.80 -16.80
N PRO B 290 -3.85 -2.78 -17.62
CA PRO B 290 -4.79 -3.66 -18.35
C PRO B 290 -5.26 -4.81 -17.48
N LEU B 291 -6.25 -4.52 -16.62
CA LEU B 291 -6.63 -5.45 -15.55
C LEU B 291 -6.99 -6.82 -16.12
N TYR B 292 -7.93 -6.85 -17.06
CA TYR B 292 -8.36 -8.12 -17.65
C TYR B 292 -7.18 -8.95 -18.13
N ASP B 293 -6.24 -8.31 -18.83
CA ASP B 293 -5.11 -9.07 -19.38
C ASP B 293 -4.13 -9.52 -18.31
N ILE B 294 -4.09 -8.88 -17.15
CA ILE B 294 -3.30 -9.46 -16.06
C ILE B 294 -3.85 -10.84 -15.70
N GLY B 295 -5.17 -10.93 -15.55
CA GLY B 295 -5.78 -12.22 -15.29
C GLY B 295 -5.61 -13.18 -16.45
N ALA B 296 -5.75 -12.69 -17.68
CA ALA B 296 -5.66 -13.58 -18.86
C ALA B 296 -4.27 -14.21 -18.95
N VAL B 297 -3.23 -13.40 -18.81
CA VAL B 297 -1.84 -13.92 -18.92
C VAL B 297 -1.62 -14.91 -17.77
N GLY B 298 -2.06 -14.58 -16.56
CA GLY B 298 -1.85 -15.45 -15.39
C GLY B 298 -2.50 -16.81 -15.56
N MET B 299 -3.72 -16.84 -16.09
CA MET B 299 -4.45 -18.10 -16.32
C MET B 299 -3.74 -18.91 -17.41
N ARG B 300 -3.32 -18.24 -18.49
CA ARG B 300 -2.57 -18.92 -19.57
C ARG B 300 -1.31 -19.56 -18.97
N LEU B 301 -0.51 -18.79 -18.24
CA LEU B 301 0.75 -19.33 -17.68
C LEU B 301 0.44 -20.53 -16.78
N LEU B 302 -0.59 -20.42 -15.96
CA LEU B 302 -0.92 -21.52 -15.02
C LEU B 302 -1.39 -22.72 -15.84
N THR B 303 -2.27 -22.50 -16.81
CA THR B 303 -2.75 -23.60 -17.68
C THR B 303 -1.57 -24.35 -18.26
N LYS B 304 -0.56 -23.63 -18.74
CA LYS B 304 0.59 -24.30 -19.40
C LYS B 304 1.39 -25.11 -18.38
N TYR B 305 1.57 -24.57 -17.17
CA TYR B 305 2.28 -25.32 -16.12
C TYR B 305 1.45 -26.53 -15.69
N MET B 306 0.12 -26.36 -15.60
CA MET B 306 -0.79 -27.47 -15.20
C MET B 306 -0.82 -28.53 -16.29
N ASN B 307 -0.67 -28.11 -17.56
CA ASN B 307 -0.65 -29.07 -18.69
C ASN B 307 0.80 -29.53 -18.93
N ASP B 308 1.71 -29.17 -18.02
CA ASP B 308 3.13 -29.60 -18.11
C ASP B 308 3.77 -29.11 -19.41
N GLU B 309 3.25 -28.04 -20.02
CA GLU B 309 3.91 -27.48 -21.18
C GLU B 309 5.05 -26.58 -20.72
N LYS B 310 5.90 -26.19 -21.67
CA LYS B 310 7.09 -25.35 -21.30
C LYS B 310 6.82 -23.90 -21.65
N ILE B 311 7.32 -22.97 -20.82
CA ILE B 311 7.06 -21.51 -21.04
C ILE B 311 8.36 -20.82 -21.41
N GLU B 312 8.36 -20.07 -22.52
CA GLU B 312 9.60 -19.37 -22.98
C GLU B 312 9.77 -18.10 -22.17
N GLU B 313 8.67 -17.38 -21.92
CA GLU B 313 8.77 -16.18 -21.05
C GLU B 313 7.86 -16.36 -19.82
N PRO B 314 8.39 -16.85 -18.69
CA PRO B 314 7.59 -16.95 -17.48
C PRO B 314 7.27 -15.60 -16.83
N ASN B 315 8.15 -14.62 -16.99
CA ASN B 315 7.97 -13.30 -16.32
C ASN B 315 7.46 -12.29 -17.35
N VAL B 316 6.14 -12.04 -17.35
CA VAL B 316 5.53 -11.17 -18.39
C VAL B 316 5.34 -9.74 -17.89
N VAL B 317 5.77 -8.76 -18.67
CA VAL B 317 5.54 -7.33 -18.32
C VAL B 317 4.49 -6.81 -19.31
N LEU B 318 3.38 -6.26 -18.81
CA LEU B 318 2.34 -5.76 -19.72
C LEU B 318 2.47 -4.26 -19.88
N PRO B 319 2.10 -3.71 -21.04
CA PRO B 319 2.15 -2.26 -21.21
C PRO B 319 1.12 -1.60 -20.32
N HIS B 320 1.28 -0.29 -20.12
CA HIS B 320 0.33 0.48 -19.35
C HIS B 320 0.01 1.78 -20.10
N ARG B 321 -0.98 2.49 -19.59
CA ARG B 321 -1.33 3.80 -20.16
C ARG B 321 -1.36 4.78 -18.99
N ILE B 322 -1.27 6.07 -19.24
CA ILE B 322 -1.43 7.07 -18.16
C ILE B 322 -2.43 8.09 -18.67
N GLU B 323 -3.56 8.23 -18.00
CA GLU B 323 -4.61 9.18 -18.41
C GLU B 323 -4.67 10.31 -17.39
N TYR B 324 -4.32 11.52 -17.81
CA TYR B 324 -4.28 12.64 -16.90
C TYR B 324 -5.57 13.39 -16.98
N ARG B 325 -6.30 13.43 -15.87
CA ARG B 325 -7.63 14.08 -15.90
C ARG B 325 -8.03 14.63 -14.54
N GLY B 326 -8.00 15.94 -14.34
CA GLY B 326 -8.60 16.51 -13.10
C GLY B 326 -7.70 16.72 -11.91
N THR B 327 -7.00 15.69 -11.45
CA THR B 327 -6.20 15.83 -10.21
C THR B 327 -4.78 16.25 -10.57
N THR B 328 -4.47 16.31 -11.86
CA THR B 328 -3.17 16.85 -12.28
C THR B 328 -3.46 18.10 -13.12
N LYS B 329 -2.51 19.02 -13.18
CA LYS B 329 -2.68 20.19 -14.01
C LYS B 329 -2.66 19.82 -15.47
N THR C 2 -29.18 -6.55 19.39
CA THR C 2 -29.78 -5.22 19.29
C THR C 2 -28.78 -4.08 19.56
N VAL C 3 -27.66 -4.37 20.19
CA VAL C 3 -26.49 -3.52 20.05
C VAL C 3 -25.65 -4.07 18.91
N THR C 4 -25.22 -3.19 18.02
CA THR C 4 -24.48 -3.58 16.83
C THR C 4 -23.16 -2.84 16.79
N ILE C 5 -22.34 -3.23 15.80
CA ILE C 5 -21.03 -2.61 15.59
C ILE C 5 -21.16 -1.10 15.46
N TYR C 6 -22.23 -0.61 14.78
CA TYR C 6 -22.38 0.84 14.61
C TYR C 6 -22.83 1.53 15.90
N ASP C 7 -23.38 0.78 16.86
CA ASP C 7 -23.70 1.36 18.15
C ASP C 7 -22.42 1.67 18.92
N VAL C 8 -21.52 0.70 18.99
CA VAL C 8 -20.19 0.96 19.56
C VAL C 8 -19.48 2.02 18.74
N ALA C 9 -19.55 1.93 17.40
CA ALA C 9 -18.77 2.81 16.53
C ALA C 9 -19.20 4.26 16.64
N ARG C 10 -20.51 4.51 16.58
CA ARG C 10 -20.96 5.89 16.66
C ARG C 10 -20.72 6.51 18.03
N GLU C 11 -20.65 5.68 19.08
CA GLU C 11 -20.40 6.19 20.43
C GLU C 11 -18.92 6.31 20.72
N ALA C 12 -18.10 5.37 20.23
CA ALA C 12 -16.65 5.51 20.32
C ALA C 12 -16.09 6.53 19.33
N ARG C 13 -16.93 7.16 18.51
CA ARG C 13 -16.47 8.21 17.55
C ARG C 13 -15.44 7.61 16.58
N VAL C 14 -15.46 6.29 16.38
CA VAL C 14 -14.60 5.61 15.43
C VAL C 14 -15.46 5.02 14.31
N SER C 15 -14.82 4.40 13.33
CA SER C 15 -15.54 3.74 12.26
C SER C 15 -15.82 2.30 12.66
N MET C 16 -16.87 1.73 12.05
CA MET C 16 -17.17 0.32 12.23
C MET C 16 -15.94 -0.54 11.92
N ALA C 17 -15.16 -0.15 10.90
CA ALA C 17 -13.95 -0.92 10.60
C ALA C 17 -12.98 -0.92 11.79
N THR C 18 -12.80 0.25 12.42
CA THR C 18 -11.94 0.35 13.60
C THR C 18 -12.44 -0.57 14.71
N VAL C 19 -13.75 -0.60 14.96
CA VAL C 19 -14.28 -1.45 16.03
C VAL C 19 -13.94 -2.90 15.77
N SER C 20 -14.19 -3.37 14.55
CA SER C 20 -13.89 -4.75 14.19
C SER C 20 -12.40 -5.05 14.30
N ARG C 21 -11.54 -4.07 13.97
CA ARG C 21 -10.12 -4.30 14.17
C ARG C 21 -9.81 -4.56 15.64
N VAL C 22 -10.55 -3.90 16.54
CA VAL C 22 -10.32 -4.11 17.98
C VAL C 22 -10.89 -5.45 18.42
N VAL C 23 -12.14 -5.75 18.05
CA VAL C 23 -12.72 -7.05 18.34
C VAL C 23 -11.77 -8.17 17.91
N ASN C 24 -11.15 -8.01 16.73
CA ASN C 24 -10.40 -9.07 16.08
C ASN C 24 -8.97 -9.20 16.60
N GLY C 25 -8.49 -8.23 17.37
CA GLY C 25 -7.13 -8.28 17.87
C GLY C 25 -6.07 -7.72 16.96
N ASN C 26 -6.43 -6.80 16.06
CA ASN C 26 -5.45 -6.16 15.18
C ASN C 26 -4.47 -5.34 16.01
N GLN C 27 -3.18 -5.69 15.96
CA GLN C 27 -2.16 -5.04 16.82
C GLN C 27 -1.68 -3.69 16.29
N ASN C 28 -2.41 -3.08 15.35
CA ASN C 28 -1.90 -1.83 14.75
C ASN C 28 -2.79 -0.68 15.23
N VAL C 29 -3.74 -1.00 16.11
CA VAL C 29 -4.67 0.03 16.65
C VAL C 29 -3.98 0.75 17.80
N LYS C 30 -3.93 2.09 17.74
CA LYS C 30 -3.35 2.87 18.83
C LYS C 30 -4.03 2.50 20.15
N ALA C 31 -3.21 2.23 21.17
CA ALA C 31 -3.71 1.85 22.49
C ALA C 31 -4.81 2.78 23.01
N GLU C 32 -4.75 4.06 22.64
CA GLU C 32 -5.80 4.98 23.06
C GLU C 32 -7.13 4.63 22.41
N THR C 33 -7.13 4.49 21.07
CA THR C 33 -8.35 4.10 20.36
C THR C 33 -8.87 2.74 20.82
N LYS C 34 -7.97 1.81 21.16
CA LYS C 34 -8.39 0.50 21.64
C LYS C 34 -9.05 0.58 23.02
N ASN C 35 -8.61 1.50 23.89
CA ASN C 35 -9.25 1.64 25.19
C ASN C 35 -10.64 2.27 25.08
N LYS C 36 -10.75 3.39 24.35
CA LYS C 36 -12.04 4.04 24.18
C LYS C 36 -13.06 3.13 23.49
N VAL C 37 -12.60 2.12 22.74
CA VAL C 37 -13.51 1.20 22.09
C VAL C 37 -13.88 0.07 23.04
N ASN C 38 -12.90 -0.45 23.79
CA ASN C 38 -13.18 -1.51 24.76
C ASN C 38 -14.10 -1.02 25.87
N GLU C 39 -14.09 0.28 26.16
CA GLU C 39 -15.01 0.81 27.16
C GLU C 39 -16.45 0.76 26.67
N VAL C 40 -16.71 1.32 25.48
CA VAL C 40 -18.06 1.24 24.93
C VAL C 40 -18.46 -0.22 24.74
N ILE C 41 -17.47 -1.11 24.55
CA ILE C 41 -17.77 -2.52 24.33
C ILE C 41 -18.15 -3.20 25.64
N LYS C 42 -17.52 -2.82 26.73
CA LYS C 42 -17.93 -3.37 28.02
C LYS C 42 -19.24 -2.77 28.50
N ARG C 43 -19.39 -1.45 28.37
CA ARG C 43 -20.60 -0.81 28.87
C ARG C 43 -21.83 -1.32 28.13
N LEU C 44 -21.73 -1.47 26.81
CA LEU C 44 -22.87 -1.91 26.02
C LEU C 44 -22.98 -3.43 25.93
N ASN C 45 -21.91 -4.15 26.31
CA ASN C 45 -21.92 -5.62 26.35
C ASN C 45 -21.92 -6.24 24.96
N TYR C 46 -21.21 -5.60 24.02
CA TYR C 46 -21.08 -6.10 22.66
C TYR C 46 -20.23 -7.38 22.64
N ARG C 47 -20.83 -8.49 22.21
CA ARG C 47 -20.09 -9.76 22.14
C ARG C 47 -20.50 -10.50 20.87
N PRO C 48 -20.02 -10.03 19.71
CA PRO C 48 -20.45 -10.63 18.44
C PRO C 48 -19.99 -12.08 18.23
N ASN C 49 -18.94 -12.53 18.92
CA ASN C 49 -18.35 -13.82 18.63
C ASN C 49 -18.32 -14.72 19.88
N ALA C 50 -18.60 -16.00 19.68
CA ALA C 50 -18.64 -16.98 20.76
C ALA C 50 -17.26 -17.25 21.31
N THR C 60 -9.42 -29.61 12.14
CA THR C 60 -9.35 -28.53 11.16
C THR C 60 -10.71 -28.37 10.47
N THR C 61 -11.16 -27.13 10.39
CA THR C 61 -12.45 -26.77 9.81
C THR C 61 -12.22 -25.82 8.65
N THR C 62 -12.98 -26.00 7.58
CA THR C 62 -13.05 -25.03 6.50
C THR C 62 -14.51 -24.61 6.34
N VAL C 63 -14.72 -23.35 6.00
CA VAL C 63 -16.06 -22.84 5.74
C VAL C 63 -16.04 -22.22 4.35
N GLY C 64 -17.12 -22.44 3.60
CA GLY C 64 -17.21 -22.03 2.21
C GLY C 64 -18.28 -20.95 2.07
N VAL C 65 -17.99 -19.96 1.23
CA VAL C 65 -18.83 -18.78 1.13
C VAL C 65 -19.14 -18.56 -0.33
N ILE C 66 -20.40 -18.31 -0.63
CA ILE C 66 -20.83 -18.25 -2.01
C ILE C 66 -21.50 -16.92 -2.20
N ILE C 67 -20.98 -16.12 -3.12
CA ILE C 67 -21.54 -14.80 -3.42
C ILE C 67 -21.75 -14.73 -4.93
N PRO C 68 -22.65 -13.85 -5.40
CA PRO C 68 -22.82 -13.66 -6.85
C PRO C 68 -21.61 -13.05 -7.54
N ASP C 69 -21.13 -11.92 -7.03
CA ASP C 69 -20.17 -11.08 -7.73
C ASP C 69 -19.17 -10.54 -6.72
N ILE C 70 -17.92 -11.01 -6.80
CA ILE C 70 -16.86 -10.49 -5.94
C ILE C 70 -16.61 -9.00 -6.19
N SER C 71 -16.92 -8.50 -7.38
CA SER C 71 -16.69 -7.10 -7.67
C SER C 71 -17.74 -6.20 -6.99
N ASN C 72 -18.91 -6.73 -6.68
CA ASN C 72 -19.89 -6.01 -5.86
C ASN C 72 -19.29 -5.73 -4.49
N ILE C 73 -19.17 -4.45 -4.15
CA ILE C 73 -18.38 -4.08 -2.98
C ILE C 73 -19.11 -4.47 -1.69
N TYR C 74 -20.43 -4.32 -1.66
CA TYR C 74 -21.22 -4.78 -0.52
C TYR C 74 -20.95 -6.25 -0.20
N TYR C 75 -20.94 -7.12 -1.23
CA TYR C 75 -20.69 -8.54 -0.99
C TYR C 75 -19.22 -8.83 -0.72
N SER C 76 -18.29 -8.06 -1.29
CA SER C 76 -16.88 -8.25 -0.95
C SER C 76 -16.61 -7.86 0.51
N GLN C 77 -17.15 -6.72 0.94
CA GLN C 77 -17.01 -6.31 2.33
C GLN C 77 -17.56 -7.37 3.29
N LEU C 78 -18.76 -7.87 3.02
CA LEU C 78 -19.36 -8.92 3.84
C LEU C 78 -18.49 -10.18 3.87
N ALA C 79 -18.09 -10.65 2.71
CA ALA C 79 -17.31 -11.89 2.69
C ALA C 79 -15.93 -11.71 3.28
N ARG C 80 -15.42 -10.48 3.31
CA ARG C 80 -14.14 -10.25 3.98
C ARG C 80 -14.31 -10.30 5.50
N GLY C 81 -15.35 -9.65 6.03
CA GLY C 81 -15.68 -9.83 7.44
C GLY C 81 -15.82 -11.28 7.85
N LEU C 82 -16.47 -12.10 7.01
CA LEU C 82 -16.65 -13.50 7.37
C LEU C 82 -15.32 -14.23 7.53
N GLU C 83 -14.36 -13.99 6.63
CA GLU C 83 -13.06 -14.63 6.78
C GLU C 83 -12.30 -14.10 7.98
N ASP C 84 -12.50 -12.83 8.34
CA ASP C 84 -11.91 -12.31 9.57
C ASP C 84 -12.48 -13.03 10.78
N ILE C 85 -13.82 -13.08 10.88
CA ILE C 85 -14.49 -13.82 11.94
C ILE C 85 -14.10 -15.29 11.88
N ALA C 86 -14.00 -15.85 10.68
CA ALA C 86 -13.69 -17.26 10.55
C ALA C 86 -12.31 -17.60 11.10
N THR C 87 -11.34 -16.69 11.01
CA THR C 87 -10.05 -16.98 11.63
C THR C 87 -10.08 -16.78 13.14
N MET C 88 -11.05 -16.02 13.67
CA MET C 88 -11.22 -15.93 15.12
C MET C 88 -11.58 -17.28 15.70
N TYR C 89 -12.48 -18.00 15.02
CA TYR C 89 -12.87 -19.35 15.39
C TYR C 89 -11.81 -20.37 15.01
N LYS C 90 -10.63 -19.91 14.58
CA LYS C 90 -9.57 -20.77 14.08
C LYS C 90 -10.04 -21.65 12.92
N TYR C 91 -10.94 -21.13 12.08
CA TYR C 91 -11.39 -21.80 10.86
C TYR C 91 -10.63 -21.28 9.64
N HIS C 92 -10.49 -22.16 8.65
CA HIS C 92 -10.12 -21.75 7.31
C HIS C 92 -11.38 -21.35 6.56
N SER C 93 -11.21 -20.61 5.47
CA SER C 93 -12.35 -20.24 4.65
C SER C 93 -11.89 -20.04 3.23
N ILE C 94 -12.84 -20.22 2.29
CA ILE C 94 -12.63 -20.05 0.86
C ILE C 94 -13.93 -19.52 0.28
N ILE C 95 -13.81 -18.71 -0.79
CA ILE C 95 -14.94 -17.99 -1.37
C ILE C 95 -15.08 -18.39 -2.84
N SER C 96 -16.32 -18.33 -3.36
CA SER C 96 -16.57 -18.67 -4.75
C SER C 96 -17.64 -17.76 -5.32
N ASN C 97 -17.43 -17.34 -6.58
CA ASN C 97 -18.35 -16.51 -7.35
C ASN C 97 -19.35 -17.38 -8.11
N SER C 98 -20.62 -17.03 -8.02
CA SER C 98 -21.68 -17.78 -8.67
C SER C 98 -22.38 -17.03 -9.78
N ASP C 99 -22.17 -15.73 -9.88
CA ASP C 99 -22.77 -14.92 -10.93
C ASP C 99 -24.27 -15.13 -10.90
N ASN C 100 -24.77 -15.74 -9.85
CA ASN C 100 -26.19 -16.06 -9.73
C ASN C 100 -26.61 -17.01 -10.84
N ASP C 101 -25.68 -17.84 -11.31
CA ASP C 101 -26.03 -18.84 -12.30
C ASP C 101 -26.46 -20.14 -11.64
N PRO C 102 -27.76 -20.50 -11.68
CA PRO C 102 -28.16 -21.80 -11.10
C PRO C 102 -27.20 -22.95 -11.40
N GLU C 103 -26.68 -23.04 -12.62
CA GLU C 103 -25.76 -24.13 -12.92
C GLU C 103 -24.43 -23.94 -12.20
N LYS C 104 -23.96 -22.69 -12.11
CA LYS C 104 -22.74 -22.41 -11.37
C LYS C 104 -22.92 -22.68 -9.87
N GLU C 105 -24.06 -22.27 -9.32
CA GLU C 105 -24.31 -22.48 -7.89
C GLU C 105 -24.12 -23.95 -7.52
N LYS C 106 -24.79 -24.85 -8.25
CA LYS C 106 -24.64 -26.29 -8.00
C LYS C 106 -23.20 -26.75 -8.23
N GLU C 107 -22.56 -26.29 -9.32
CA GLU C 107 -21.18 -26.69 -9.57
C GLU C 107 -20.27 -26.29 -8.43
N ILE C 108 -20.38 -25.03 -7.98
CA ILE C 108 -19.72 -24.59 -6.75
C ILE C 108 -20.13 -25.48 -5.59
N PHE C 109 -21.43 -25.43 -5.23
CA PHE C 109 -21.96 -26.15 -4.08
C PHE C 109 -21.38 -27.57 -3.99
N ASN C 110 -21.39 -28.29 -5.12
CA ASN C 110 -20.88 -29.66 -5.14
C ASN C 110 -19.36 -29.70 -5.00
N ASN C 111 -18.65 -28.89 -5.81
CA ASN C 111 -17.21 -28.79 -5.68
C ASN C 111 -16.82 -28.52 -4.22
N LEU C 112 -17.65 -27.74 -3.52
CA LEU C 112 -17.38 -27.45 -2.11
C LEU C 112 -17.51 -28.71 -1.25
N LEU C 113 -18.67 -29.39 -1.30
CA LEU C 113 -18.77 -30.65 -0.55
C LEU C 113 -17.66 -31.60 -0.96
N SER C 114 -17.25 -31.57 -2.23
CA SER C 114 -16.16 -32.42 -2.69
C SER C 114 -14.90 -32.18 -1.91
N LYS C 115 -14.50 -30.91 -1.73
CA LYS C 115 -13.30 -30.59 -0.95
C LYS C 115 -13.58 -30.51 0.56
N GLN C 116 -14.72 -31.05 1.00
CA GLN C 116 -14.96 -31.33 2.41
C GLN C 116 -14.99 -30.05 3.24
N VAL C 117 -15.77 -29.08 2.77
CA VAL C 117 -16.12 -27.95 3.62
C VAL C 117 -17.10 -28.42 4.69
N ASP C 118 -16.86 -28.01 5.93
CA ASP C 118 -17.70 -28.34 7.06
C ASP C 118 -18.92 -27.47 7.19
N GLY C 119 -18.96 -26.35 6.46
CA GLY C 119 -20.10 -25.46 6.53
C GLY C 119 -20.06 -24.50 5.37
N ILE C 120 -21.22 -24.02 4.95
CA ILE C 120 -21.36 -23.24 3.73
C ILE C 120 -22.26 -22.07 4.04
N ILE C 121 -21.88 -20.88 3.58
CA ILE C 121 -22.69 -19.69 3.76
C ILE C 121 -22.97 -19.09 2.39
N PHE C 122 -24.22 -18.71 2.16
CA PHE C 122 -24.68 -18.11 0.91
C PHE C 122 -24.92 -16.64 1.16
N LEU C 123 -24.26 -15.77 0.41
CA LEU C 123 -24.47 -14.33 0.54
C LEU C 123 -25.09 -13.83 -0.75
N GLY C 124 -26.32 -13.33 -0.67
CA GLY C 124 -27.06 -12.90 -1.84
C GLY C 124 -27.42 -14.05 -2.77
N GLY C 125 -28.04 -13.69 -3.90
CA GLY C 125 -28.40 -14.66 -4.90
C GLY C 125 -29.68 -15.40 -4.55
N THR C 126 -29.98 -16.43 -5.34
CA THR C 126 -31.24 -17.16 -5.22
C THR C 126 -30.97 -18.65 -5.06
N ILE C 127 -31.80 -19.31 -4.25
CA ILE C 127 -31.72 -20.75 -4.06
C ILE C 127 -32.84 -21.40 -4.87
N THR C 128 -32.46 -22.29 -5.77
CA THR C 128 -33.40 -23.07 -6.57
C THR C 128 -33.79 -24.35 -5.84
N GLU C 129 -34.97 -24.86 -6.17
CA GLU C 129 -35.40 -26.13 -5.59
C GLU C 129 -34.41 -27.24 -5.90
N GLU C 130 -33.77 -27.21 -7.08
CA GLU C 130 -32.63 -28.09 -7.29
C GLU C 130 -31.58 -27.88 -6.22
N MET C 131 -31.18 -26.63 -6.00
CA MET C 131 -30.21 -26.33 -4.94
C MET C 131 -30.73 -26.82 -3.59
N LYS C 132 -31.96 -26.46 -3.23
CA LYS C 132 -32.51 -26.84 -1.92
C LYS C 132 -32.43 -28.33 -1.64
N GLU C 133 -32.67 -29.14 -2.65
CA GLU C 133 -32.63 -30.57 -2.45
C GLU C 133 -31.24 -30.99 -2.06
N LEU C 134 -30.24 -30.40 -2.70
CA LEU C 134 -28.87 -30.74 -2.40
C LEU C 134 -28.57 -30.40 -0.97
N ILE C 135 -29.06 -29.25 -0.53
CA ILE C 135 -28.83 -28.85 0.84
C ILE C 135 -29.48 -29.83 1.78
N ASN C 136 -30.72 -30.21 1.50
CA ASN C 136 -31.43 -31.08 2.41
C ASN C 136 -30.71 -32.41 2.48
N GLN C 137 -30.28 -32.90 1.33
CA GLN C 137 -29.56 -34.15 1.30
C GLN C 137 -28.25 -34.06 2.02
N SER C 138 -27.57 -32.94 1.88
CA SER C 138 -26.24 -32.83 2.47
C SER C 138 -26.16 -32.75 3.94
N SER C 139 -25.17 -33.41 4.50
CA SER C 139 -24.94 -33.28 5.92
C SER C 139 -24.51 -31.86 6.19
N VAL C 140 -23.69 -31.28 5.31
CA VAL C 140 -23.16 -29.93 5.49
C VAL C 140 -24.18 -28.82 5.91
N PRO C 141 -23.97 -28.15 7.08
CA PRO C 141 -24.94 -27.10 7.42
C PRO C 141 -24.80 -25.92 6.46
N VAL C 142 -25.90 -25.19 6.31
CA VAL C 142 -25.95 -24.04 5.42
C VAL C 142 -26.66 -22.90 6.12
N VAL C 143 -26.04 -21.71 6.09
CA VAL C 143 -26.66 -20.46 6.50
C VAL C 143 -26.76 -19.55 5.29
N VAL C 144 -27.67 -18.59 5.37
CA VAL C 144 -28.14 -17.83 4.22
C VAL C 144 -28.34 -16.36 4.62
N SER C 145 -27.95 -15.44 3.74
CA SER C 145 -28.11 -13.99 4.01
C SER C 145 -28.31 -13.26 2.68
N GLY C 146 -29.36 -12.44 2.57
CA GLY C 146 -29.61 -11.65 1.35
C GLY C 146 -30.17 -12.49 0.22
N THR C 147 -30.44 -13.76 0.48
CA THR C 147 -30.92 -14.66 -0.59
C THR C 147 -32.43 -14.77 -0.57
N ASN C 148 -33.02 -15.05 -1.73
CA ASN C 148 -34.49 -15.23 -1.83
C ASN C 148 -34.78 -16.57 -2.49
N GLY C 149 -36.05 -16.84 -2.78
CA GLY C 149 -36.41 -18.08 -3.48
C GLY C 149 -36.75 -19.23 -2.56
N LYS C 150 -36.13 -20.39 -2.79
CA LYS C 150 -36.49 -21.58 -2.01
C LYS C 150 -35.47 -21.76 -0.87
N ASP C 151 -35.59 -20.88 0.11
CA ASP C 151 -34.63 -20.82 1.23
C ASP C 151 -35.26 -21.19 2.56
N ALA C 152 -36.54 -21.61 2.56
CA ALA C 152 -37.29 -21.85 3.79
C ALA C 152 -36.60 -22.89 4.67
N HIS C 153 -36.78 -22.74 5.99
CA HIS C 153 -36.20 -23.60 7.01
C HIS C 153 -34.67 -23.64 6.98
N ILE C 154 -34.01 -22.79 6.18
CA ILE C 154 -32.56 -22.62 6.27
C ILE C 154 -32.25 -21.41 7.15
N ALA C 155 -31.27 -21.57 8.03
CA ALA C 155 -30.91 -20.52 8.98
C ALA C 155 -30.43 -19.27 8.26
N SER C 156 -30.95 -18.12 8.65
CA SER C 156 -30.72 -16.87 7.94
C SER C 156 -30.31 -15.77 8.91
N VAL C 157 -29.72 -14.71 8.34
CA VAL C 157 -29.32 -13.51 9.14
C VAL C 157 -29.46 -12.34 8.18
N ASN C 158 -30.32 -11.39 8.50
CA ASN C 158 -30.57 -10.29 7.53
C ASN C 158 -31.13 -9.10 8.30
N ILE C 159 -31.21 -7.95 7.65
CA ILE C 159 -31.88 -6.79 8.29
C ILE C 159 -33.28 -6.78 7.69
N ASP C 160 -34.16 -5.90 8.17
CA ASP C 160 -35.52 -5.91 7.65
C ASP C 160 -35.62 -4.79 6.63
N PHE C 161 -35.52 -5.16 5.34
CA PHE C 161 -35.52 -4.17 4.28
C PHE C 161 -36.88 -3.52 4.13
N THR C 162 -37.95 -4.30 4.36
CA THR C 162 -39.31 -3.78 4.22
C THR C 162 -39.55 -2.62 5.18
N GLU C 163 -39.25 -2.84 6.47
CA GLU C 163 -39.26 -1.76 7.44
C GLU C 163 -38.44 -0.57 6.96
N ALA C 164 -37.18 -0.82 6.58
CA ALA C 164 -36.31 0.27 6.18
C ALA C 164 -36.89 1.03 4.99
N ALA C 165 -37.48 0.30 4.03
CA ALA C 165 -38.13 0.94 2.88
C ALA C 165 -39.32 1.78 3.31
N LYS C 166 -40.10 1.28 4.27
CA LYS C 166 -41.23 2.05 4.79
C LYS C 166 -40.74 3.33 5.47
N GLU C 167 -39.70 3.21 6.32
CA GLU C 167 -39.12 4.40 6.95
C GLU C 167 -38.64 5.39 5.91
N ILE C 168 -37.86 4.92 4.92
CA ILE C 168 -37.29 5.83 3.92
C ILE C 168 -38.40 6.50 3.12
N THR C 169 -39.38 5.73 2.65
CA THR C 169 -40.46 6.28 1.84
C THR C 169 -41.25 7.31 2.62
N GLY C 170 -41.76 6.91 3.79
CA GLY C 170 -42.39 7.88 4.68
C GLY C 170 -41.56 9.13 4.89
N GLU C 171 -40.24 8.98 4.86
CA GLU C 171 -39.37 10.14 4.99
C GLU C 171 -39.36 10.98 3.72
N LEU C 172 -39.23 10.34 2.56
CA LEU C 172 -39.12 11.11 1.30
C LEU C 172 -40.44 11.82 1.01
N ILE C 173 -41.56 11.19 1.37
CA ILE C 173 -42.89 11.83 1.19
C ILE C 173 -42.94 13.11 2.03
N GLU C 174 -42.61 13.00 3.32
CA GLU C 174 -42.61 14.18 4.23
C GLU C 174 -41.73 15.28 3.62
N LYS C 175 -40.56 14.90 3.08
CA LYS C 175 -39.63 15.89 2.52
C LYS C 175 -40.12 16.49 1.19
N GLY C 176 -41.27 16.05 0.67
CA GLY C 176 -41.85 16.71 -0.53
C GLY C 176 -41.91 15.87 -1.79
N ALA C 177 -41.50 14.61 -1.72
CA ALA C 177 -41.46 13.80 -2.97
C ALA C 177 -42.84 13.25 -3.29
N LYS C 178 -43.16 13.16 -4.57
CA LYS C 178 -44.46 12.57 -4.99
C LYS C 178 -44.17 11.43 -5.98
N SER C 179 -43.30 11.68 -6.95
CA SER C 179 -42.96 10.63 -7.95
C SER C 179 -41.81 9.78 -7.40
N PHE C 180 -41.88 8.46 -7.58
CA PHE C 180 -40.87 7.55 -6.99
C PHE C 180 -40.40 6.54 -8.03
N ALA C 181 -39.31 5.81 -7.75
CA ALA C 181 -38.78 4.77 -8.66
C ALA C 181 -37.88 3.83 -7.86
N LEU C 182 -37.94 2.53 -8.15
CA LEU C 182 -37.05 1.55 -7.47
C LEU C 182 -36.17 0.84 -8.49
N VAL C 183 -34.87 1.15 -8.47
CA VAL C 183 -33.92 0.45 -9.39
C VAL C 183 -33.12 -0.58 -8.61
N GLY C 184 -33.01 -1.79 -9.15
CA GLY C 184 -32.30 -2.87 -8.47
C GLY C 184 -31.70 -3.83 -9.48
N GLY C 185 -31.59 -5.10 -9.13
CA GLY C 185 -30.93 -6.07 -10.01
C GLY C 185 -31.21 -7.50 -9.61
N GLU C 186 -30.43 -8.45 -10.14
CA GLU C 186 -30.69 -9.89 -9.91
C GLU C 186 -29.82 -10.43 -8.77
N HIS C 187 -28.70 -9.76 -8.49
CA HIS C 187 -27.76 -10.29 -7.47
C HIS C 187 -28.34 -10.12 -6.07
N SER C 188 -29.05 -9.02 -5.83
CA SER C 188 -29.69 -8.78 -4.52
C SER C 188 -31.20 -8.78 -4.74
N LYS C 189 -31.81 -9.96 -4.86
CA LYS C 189 -33.24 -10.03 -5.20
C LYS C 189 -34.12 -9.98 -3.95
N LYS C 190 -33.68 -10.60 -2.85
CA LYS C 190 -34.46 -10.52 -1.59
C LYS C 190 -34.66 -9.05 -1.21
N ALA C 191 -33.58 -8.28 -1.26
CA ALA C 191 -33.67 -6.86 -0.89
C ALA C 191 -34.67 -6.16 -1.79
N GLN C 192 -34.57 -6.39 -3.10
CA GLN C 192 -35.43 -5.66 -4.06
C GLN C 192 -36.90 -5.94 -3.77
N GLU C 193 -37.27 -7.20 -3.58
CA GLU C 193 -38.70 -7.54 -3.39
C GLU C 193 -39.20 -7.05 -2.03
N ASP C 194 -38.40 -7.16 -0.99
CA ASP C 194 -38.80 -6.70 0.36
C ASP C 194 -38.89 -5.17 0.35
N VAL C 195 -37.96 -4.49 -0.32
CA VAL C 195 -38.02 -3.01 -0.41
C VAL C 195 -39.26 -2.64 -1.24
N LEU C 196 -39.54 -3.40 -2.31
CA LEU C 196 -40.70 -3.06 -3.17
C LEU C 196 -41.95 -3.07 -2.29
N GLU C 197 -42.10 -4.12 -1.49
CA GLU C 197 -43.25 -4.22 -0.59
C GLU C 197 -43.42 -2.95 0.22
N GLY C 198 -42.43 -2.60 1.03
CA GLY C 198 -42.54 -1.41 1.90
C GLY C 198 -42.77 -0.12 1.13
N LEU C 199 -42.07 0.05 0.02
CA LEU C 199 -42.24 1.26 -0.84
C LEU C 199 -43.72 1.37 -1.19
N THR C 200 -44.31 0.30 -1.68
CA THR C 200 -45.72 0.36 -2.16
C THR C 200 -46.67 0.68 -1.02
N GLU C 201 -46.50 0.02 0.13
CA GLU C 201 -47.45 0.22 1.25
C GLU C 201 -47.60 1.71 1.55
N VAL C 202 -46.50 2.41 1.82
CA VAL C 202 -46.60 3.84 2.21
C VAL C 202 -47.08 4.63 1.00
N LEU C 203 -46.67 4.21 -0.20
CA LEU C 203 -47.04 4.96 -1.42
C LEU C 203 -48.53 4.75 -1.71
N ASN C 204 -49.14 3.72 -1.10
CA ASN C 204 -50.58 3.50 -1.30
C ASN C 204 -51.33 4.12 -0.12
N LYS C 205 -50.72 4.12 1.06
CA LYS C 205 -51.34 4.75 2.25
C LYS C 205 -51.44 6.27 2.01
N ASN C 206 -50.49 6.84 1.26
CA ASN C 206 -50.52 8.30 1.00
C ASN C 206 -51.25 8.52 -0.31
N GLY C 207 -51.86 7.47 -0.84
CA GLY C 207 -52.60 7.57 -2.11
C GLY C 207 -51.74 8.14 -3.20
N LEU C 208 -50.46 7.76 -3.24
CA LEU C 208 -49.53 8.37 -4.24
C LEU C 208 -49.37 7.42 -5.44
N GLN C 209 -48.78 7.92 -6.53
CA GLN C 209 -48.65 7.09 -7.76
C GLN C 209 -47.48 6.13 -7.63
N LEU C 210 -47.64 4.90 -8.14
CA LEU C 210 -46.53 3.92 -8.13
C LEU C 210 -45.59 4.26 -9.30
N GLY C 211 -44.29 4.09 -9.12
CA GLY C 211 -43.33 4.47 -10.18
C GLY C 211 -42.80 3.25 -10.94
N ASP C 212 -41.66 3.41 -11.62
CA ASP C 212 -41.09 2.30 -12.42
C ASP C 212 -40.38 1.32 -11.49
N THR C 213 -40.19 0.07 -11.92
CA THR C 213 -39.45 -0.91 -11.11
C THR C 213 -38.36 -1.49 -12.00
N LEU C 214 -37.39 -0.66 -12.40
CA LEU C 214 -36.30 -1.09 -13.32
C LEU C 214 -35.36 -2.07 -12.61
N ASN C 215 -35.37 -3.34 -13.02
CA ASN C 215 -34.50 -4.36 -12.39
C ASN C 215 -33.48 -4.84 -13.40
N CYS C 216 -32.21 -4.47 -13.21
CA CYS C 216 -31.18 -4.83 -14.23
C CYS C 216 -30.81 -6.32 -14.14
N SER C 217 -30.20 -6.87 -15.18
CA SER C 217 -29.72 -8.27 -15.13
C SER C 217 -28.23 -8.26 -14.75
N GLY C 218 -27.75 -9.31 -14.08
CA GLY C 218 -26.32 -9.38 -13.77
C GLY C 218 -25.90 -8.40 -12.70
N ALA C 219 -24.89 -7.59 -12.97
CA ALA C 219 -24.32 -6.72 -11.91
C ALA C 219 -25.05 -5.41 -11.74
N GLU C 220 -25.31 -5.01 -10.49
CA GLU C 220 -25.90 -3.68 -10.20
C GLU C 220 -24.69 -2.75 -10.11
N SER C 221 -24.30 -2.13 -11.23
CA SER C 221 -23.05 -1.36 -11.26
C SER C 221 -23.25 0.11 -11.57
N TYR C 222 -22.16 0.87 -11.51
CA TYR C 222 -22.22 2.29 -11.88
C TYR C 222 -22.71 2.35 -13.31
N LYS C 223 -22.30 1.40 -14.16
CA LYS C 223 -22.75 1.55 -15.53
C LYS C 223 -24.24 1.42 -15.62
N GLU C 224 -24.79 0.40 -14.99
CA GLU C 224 -26.21 0.15 -15.07
C GLU C 224 -27.01 1.31 -14.54
N GLY C 225 -26.48 2.05 -13.60
CA GLY C 225 -27.16 3.23 -13.12
C GLY C 225 -27.23 4.31 -14.16
N VAL C 226 -26.11 4.59 -14.83
CA VAL C 226 -26.17 5.56 -15.93
C VAL C 226 -27.17 5.11 -16.97
N LYS C 227 -27.27 3.80 -17.21
CA LYS C 227 -28.31 3.27 -18.08
C LYS C 227 -29.69 3.62 -17.54
N ALA C 228 -29.93 3.37 -16.25
CA ALA C 228 -31.25 3.59 -15.66
C ALA C 228 -31.63 5.07 -15.67
N PHE C 229 -30.65 5.97 -15.58
CA PHE C 229 -30.96 7.40 -15.69
C PHE C 229 -31.31 7.80 -17.12
N ALA C 230 -30.68 7.16 -18.10
CA ALA C 230 -31.06 7.38 -19.50
C ALA C 230 -32.49 6.94 -19.76
N LYS C 231 -32.87 5.75 -19.27
CA LYS C 231 -34.22 5.23 -19.45
C LYS C 231 -35.27 6.10 -18.78
N MET C 232 -34.85 6.96 -17.85
CA MET C 232 -35.84 7.77 -17.07
C MET C 232 -35.57 9.26 -17.19
N LYS C 233 -34.75 9.68 -18.15
CA LYS C 233 -34.39 11.12 -18.26
C LYS C 233 -35.64 11.96 -18.56
N GLY C 234 -36.51 11.46 -19.44
CA GLY C 234 -37.73 12.19 -19.82
C GLY C 234 -38.69 12.31 -18.66
N ASN C 235 -39.26 11.18 -18.22
CA ASN C 235 -40.14 11.21 -17.02
C ASN C 235 -39.25 10.96 -15.79
N LEU C 236 -38.61 12.02 -15.28
CA LEU C 236 -37.71 11.86 -14.11
C LEU C 236 -38.52 11.93 -12.80
N PRO C 237 -38.53 10.93 -11.88
CA PRO C 237 -39.27 11.06 -10.63
C PRO C 237 -38.64 12.07 -9.67
N ASP C 238 -39.33 12.30 -8.55
CA ASP C 238 -38.77 13.12 -7.48
C ASP C 238 -37.72 12.34 -6.70
N ALA C 239 -37.94 11.05 -6.49
CA ALA C 239 -37.00 10.26 -5.70
C ALA C 239 -36.75 8.94 -6.38
N ILE C 240 -35.51 8.45 -6.26
CA ILE C 240 -35.15 7.12 -6.71
C ILE C 240 -34.58 6.37 -5.50
N LEU C 241 -35.17 5.22 -5.20
CA LEU C 241 -34.59 4.29 -4.26
C LEU C 241 -33.72 3.31 -5.02
N CYS C 242 -32.57 2.96 -4.48
CA CYS C 242 -31.64 2.06 -5.21
C CYS C 242 -31.11 1.01 -4.23
N ILE C 243 -30.95 -0.23 -4.66
CA ILE C 243 -30.36 -1.24 -3.75
C ILE C 243 -28.85 -1.02 -3.69
N SER C 244 -28.16 -1.01 -4.83
CA SER C 244 -26.69 -0.85 -4.86
C SER C 244 -26.30 0.62 -4.80
N ASP C 245 -25.26 0.94 -4.04
CA ASP C 245 -24.80 2.33 -3.93
C ASP C 245 -24.01 2.72 -5.17
N GLU C 246 -23.31 1.77 -5.79
CA GLU C 246 -22.59 2.04 -7.05
C GLU C 246 -23.60 2.47 -8.10
N GLU C 247 -24.68 1.70 -8.26
CA GLU C 247 -25.74 2.02 -9.25
C GLU C 247 -26.34 3.38 -8.92
N ALA C 248 -26.46 3.69 -7.64
CA ALA C 248 -27.04 4.98 -7.22
C ALA C 248 -26.05 6.10 -7.47
N ILE C 249 -24.75 5.83 -7.32
CA ILE C 249 -23.79 6.88 -7.64
C ILE C 249 -23.81 7.19 -9.14
N GLY C 250 -23.92 6.15 -9.97
CA GLY C 250 -24.20 6.28 -11.38
C GLY C 250 -25.35 7.20 -11.70
N ILE C 251 -26.55 6.89 -11.17
CA ILE C 251 -27.70 7.78 -11.37
C ILE C 251 -27.38 9.16 -10.85
N MET C 252 -26.71 9.24 -9.70
CA MET C 252 -26.39 10.54 -9.13
C MET C 252 -25.54 11.36 -10.09
N HIS C 253 -24.51 10.76 -10.69
CA HIS C 253 -23.59 11.54 -11.50
C HIS C 253 -24.10 11.76 -12.91
N SER C 254 -24.80 10.77 -13.48
CA SER C 254 -25.59 10.99 -14.68
C SER C 254 -26.43 12.25 -14.56
N ALA C 255 -27.32 12.28 -13.56
CA ALA C 255 -28.26 13.38 -13.45
C ALA C 255 -27.56 14.70 -13.16
N MET C 256 -26.47 14.66 -12.39
CA MET C 256 -25.74 15.88 -12.08
C MET C 256 -25.06 16.43 -13.31
N ASP C 257 -24.35 15.57 -14.07
CA ASP C 257 -23.75 15.99 -15.32
C ASP C 257 -24.79 16.40 -16.37
N ALA C 258 -26.07 16.06 -16.16
CA ALA C 258 -27.16 16.47 -17.04
C ALA C 258 -27.90 17.70 -16.54
N GLY C 259 -27.27 18.52 -15.69
CA GLY C 259 -27.89 19.73 -15.19
C GLY C 259 -28.92 19.58 -14.10
N ILE C 260 -29.37 18.36 -13.79
CA ILE C 260 -30.31 18.17 -12.69
C ILE C 260 -29.64 18.48 -11.36
N LYS C 261 -30.37 19.15 -10.46
CA LYS C 261 -29.87 19.47 -9.13
C LYS C 261 -30.19 18.33 -8.16
N VAL C 262 -29.22 18.03 -7.30
CA VAL C 262 -29.37 17.00 -6.27
C VAL C 262 -28.94 17.58 -4.93
N PRO C 263 -29.77 17.53 -3.87
CA PRO C 263 -31.06 16.82 -3.75
C PRO C 263 -32.28 17.67 -4.09
N GLU C 264 -32.03 18.90 -4.54
CA GLU C 264 -33.09 19.85 -4.81
C GLU C 264 -34.16 19.28 -5.75
N GLU C 265 -33.78 18.88 -6.96
CA GLU C 265 -34.72 18.38 -7.96
C GLU C 265 -34.90 16.86 -7.92
N LEU C 266 -33.82 16.12 -7.63
CA LEU C 266 -33.91 14.67 -7.54
C LEU C 266 -33.26 14.21 -6.25
N GLN C 267 -33.86 13.20 -5.62
CA GLN C 267 -33.36 12.63 -4.38
C GLN C 267 -33.06 11.16 -4.60
N ILE C 268 -31.92 10.69 -4.10
CA ILE C 268 -31.48 9.32 -4.28
C ILE C 268 -31.11 8.75 -2.92
N ILE C 269 -31.49 7.49 -2.68
CA ILE C 269 -31.14 6.81 -1.39
C ILE C 269 -30.78 5.35 -1.69
N SER C 270 -29.80 4.80 -0.99
CA SER C 270 -29.34 3.42 -1.27
C SER C 270 -29.71 2.49 -0.12
N PHE C 271 -29.45 1.20 -0.27
CA PHE C 271 -29.85 0.22 0.77
C PHE C 271 -28.69 -0.72 1.13
N ASN C 272 -27.88 -1.15 0.16
CA ASN C 272 -26.74 -2.01 0.47
C ASN C 272 -25.51 -1.11 0.61
N ASN C 273 -25.31 -0.66 1.85
CA ASN C 273 -24.25 0.34 2.16
C ASN C 273 -22.86 -0.22 2.08
N THR C 274 -21.96 0.56 1.47
CA THR C 274 -20.56 0.19 1.44
C THR C 274 -19.70 1.42 1.72
N ARG C 275 -18.38 1.22 1.66
CA ARG C 275 -17.45 2.35 1.75
C ARG C 275 -17.78 3.45 0.75
N LEU C 276 -18.38 3.09 -0.38
CA LEU C 276 -18.61 4.10 -1.46
C LEU C 276 -19.44 5.29 -0.97
N VAL C 277 -20.34 5.11 -0.01
CA VAL C 277 -21.27 6.18 0.44
C VAL C 277 -20.55 7.52 0.72
N GLU C 278 -19.38 7.48 1.35
CA GLU C 278 -18.71 8.74 1.77
C GLU C 278 -17.61 9.16 0.80
N MET C 279 -17.34 8.37 -0.23
CA MET C 279 -16.24 8.66 -1.18
C MET C 279 -16.75 9.59 -2.29
N VAL C 280 -18.03 9.98 -2.25
CA VAL C 280 -18.58 10.78 -3.34
C VAL C 280 -19.03 12.11 -2.77
N ARG C 281 -19.30 13.06 -3.67
CA ARG C 281 -19.76 14.42 -3.25
C ARG C 281 -20.99 14.79 -4.08
N PRO C 282 -22.20 14.92 -3.49
CA PRO C 282 -22.42 14.79 -2.04
C PRO C 282 -22.50 13.33 -1.55
N GLN C 283 -22.35 13.13 -0.26
CA GLN C 283 -22.35 11.76 0.26
C GLN C 283 -23.74 11.15 0.01
N LEU C 284 -23.77 9.86 -0.30
CA LEU C 284 -25.06 9.19 -0.64
C LEU C 284 -25.84 8.86 0.64
N SER C 285 -27.11 9.27 0.71
CA SER C 285 -27.96 8.90 1.87
C SER C 285 -28.23 7.41 1.75
N SER C 286 -28.21 6.67 2.85
CA SER C 286 -28.33 5.20 2.71
C SER C 286 -28.78 4.52 3.99
N VAL C 287 -29.28 3.29 3.87
CA VAL C 287 -29.58 2.49 5.06
C VAL C 287 -28.21 1.99 5.50
N ILE C 288 -27.90 2.08 6.79
CA ILE C 288 -26.62 1.54 7.29
C ILE C 288 -26.88 0.18 7.91
N GLN C 289 -26.41 -0.87 7.27
CA GLN C 289 -26.53 -2.20 7.84
C GLN C 289 -25.30 -2.54 8.68
N PRO C 290 -25.49 -3.33 9.72
CA PRO C 290 -24.34 -3.74 10.58
C PRO C 290 -23.57 -4.91 10.00
N LEU C 291 -22.78 -4.59 8.96
CA LEU C 291 -22.17 -5.59 8.10
C LEU C 291 -21.39 -6.63 8.90
N TYR C 292 -20.52 -6.19 9.80
CA TYR C 292 -19.74 -7.13 10.60
C TYR C 292 -20.65 -8.06 11.42
N ASP C 293 -21.79 -7.54 11.87
CA ASP C 293 -22.71 -8.33 12.70
C ASP C 293 -23.38 -9.43 11.89
N ILE C 294 -23.87 -9.08 10.68
CA ILE C 294 -24.37 -10.06 9.71
C ILE C 294 -23.40 -11.23 9.57
N GLY C 295 -22.12 -10.94 9.48
CA GLY C 295 -21.14 -12.01 9.41
C GLY C 295 -20.94 -12.70 10.74
N ALA C 296 -21.00 -11.94 11.84
CA ALA C 296 -20.74 -12.55 13.14
C ALA C 296 -21.87 -13.50 13.54
N VAL C 297 -23.12 -13.06 13.34
CA VAL C 297 -24.26 -13.94 13.57
C VAL C 297 -24.17 -15.19 12.70
N GLY C 298 -24.01 -14.99 11.38
CA GLY C 298 -23.89 -16.13 10.49
C GLY C 298 -22.81 -17.12 10.91
N MET C 299 -21.71 -16.61 11.46
CA MET C 299 -20.69 -17.54 11.96
C MET C 299 -21.15 -18.21 13.25
N ARG C 300 -22.00 -17.52 14.02
CA ARG C 300 -22.53 -18.11 15.25
C ARG C 300 -23.47 -19.27 14.91
N LEU C 301 -24.53 -18.99 14.14
CA LEU C 301 -25.43 -20.03 13.67
C LEU C 301 -24.66 -21.24 13.13
N LEU C 302 -23.78 -20.99 12.16
CA LEU C 302 -23.09 -22.09 11.49
C LEU C 302 -22.26 -22.92 12.45
N THR C 303 -21.60 -22.28 13.41
CA THR C 303 -20.81 -23.04 14.38
C THR C 303 -21.69 -23.92 15.25
N LYS C 304 -22.86 -23.40 15.66
CA LYS C 304 -23.74 -24.17 16.53
C LYS C 304 -24.32 -25.38 15.79
N TYR C 305 -24.66 -25.22 14.51
CA TYR C 305 -24.98 -26.39 13.68
C TYR C 305 -23.79 -27.35 13.62
N MET C 306 -22.63 -26.84 13.23
CA MET C 306 -21.44 -27.67 13.07
C MET C 306 -21.09 -28.41 14.35
N ASN C 307 -21.38 -27.83 15.52
CA ASN C 307 -21.14 -28.49 16.79
C ASN C 307 -22.39 -29.23 17.33
N ASP C 308 -23.44 -29.35 16.51
CA ASP C 308 -24.63 -30.14 16.83
C ASP C 308 -25.34 -29.60 18.07
N GLU C 309 -25.68 -28.32 18.02
CA GLU C 309 -26.43 -27.66 19.06
C GLU C 309 -27.67 -27.04 18.42
N LYS C 310 -28.70 -26.79 19.23
CA LYS C 310 -29.96 -26.30 18.69
C LYS C 310 -30.00 -24.77 18.74
N ILE C 311 -30.64 -24.18 17.74
CA ILE C 311 -30.75 -22.73 17.65
C ILE C 311 -32.13 -22.35 18.15
N GLU C 312 -32.19 -21.56 19.22
CA GLU C 312 -33.46 -20.98 19.63
C GLU C 312 -34.13 -20.29 18.46
N GLU C 313 -33.44 -19.34 17.83
CA GLU C 313 -33.92 -18.64 16.64
C GLU C 313 -32.94 -18.82 15.49
N PRO C 314 -33.23 -19.68 14.52
CA PRO C 314 -32.33 -19.82 13.36
C PRO C 314 -32.48 -18.72 12.31
N ASN C 315 -33.42 -17.79 12.47
CA ASN C 315 -33.67 -16.73 11.49
C ASN C 315 -33.54 -15.35 12.17
N VAL C 316 -32.32 -14.82 12.19
CA VAL C 316 -32.01 -13.60 12.95
C VAL C 316 -32.26 -12.38 12.09
N VAL C 317 -32.96 -11.38 12.64
CA VAL C 317 -33.18 -10.10 11.99
C VAL C 317 -32.49 -9.03 12.81
N LEU C 318 -31.37 -8.45 12.25
CA LEU C 318 -30.61 -7.42 12.95
C LEU C 318 -31.20 -6.04 12.67
N PRO C 319 -31.00 -5.10 13.61
CA PRO C 319 -31.51 -3.73 13.40
C PRO C 319 -30.67 -3.00 12.37
N HIS C 320 -31.12 -1.79 12.03
CA HIS C 320 -30.46 -1.01 10.99
C HIS C 320 -30.56 0.47 11.35
N ARG C 321 -29.78 1.27 10.65
CA ARG C 321 -29.83 2.74 10.84
C ARG C 321 -30.05 3.35 9.46
N ILE C 322 -30.52 4.59 9.38
CA ILE C 322 -30.63 5.28 8.07
C ILE C 322 -29.96 6.64 8.22
N GLU C 323 -28.94 6.90 7.42
CA GLU C 323 -28.18 8.17 7.53
C GLU C 323 -28.46 9.02 6.30
N TYR C 324 -29.08 10.18 6.47
CA TYR C 324 -29.34 11.11 5.35
C TYR C 324 -28.10 11.99 5.23
N ARG C 325 -27.49 12.06 4.04
CA ARG C 325 -26.17 12.74 3.95
C ARG C 325 -26.01 13.76 2.84
N GLY C 326 -26.98 14.00 1.97
CA GLY C 326 -26.71 14.99 0.91
C GLY C 326 -27.36 14.68 -0.42
N THR C 327 -27.77 13.43 -0.61
CA THR C 327 -28.53 13.09 -1.84
C THR C 327 -30.01 13.20 -1.51
N THR C 328 -30.33 13.46 -0.24
CA THR C 328 -31.73 13.68 0.18
C THR C 328 -31.79 15.08 0.77
N LYS C 329 -32.96 15.70 0.80
CA LYS C 329 -33.09 17.10 1.29
C LYS C 329 -33.10 17.15 2.82
#